data_8Y73
#
_entry.id   8Y73
#
_cell.length_a   1.00
_cell.length_b   1.00
_cell.length_c   1.00
_cell.angle_alpha   90.00
_cell.angle_beta   90.00
_cell.angle_gamma   90.00
#
_symmetry.space_group_name_H-M   'P 1'
#
loop_
_entity.id
_entity.type
_entity.pdbx_description
1 polymer 'Guanine nucleotide-binding protein G(i) subunit alpha-1'
2 polymer 'Guanine nucleotide-binding protein G(I)/G(S)/G(T) subunit beta-1'
3 polymer 'Guanine nucleotide-binding protein G(I)/G(S)/G(O) subunit gamma-2'
4 polymer scFv16
5 polymer 'Mu-type opioid receptor'
6 polymer TYR-DAL-GLY-MEA-ETA
7 non-polymer CHOLESTEROL
8 non-polymer 9-[5-(3-chlorophenyl)furan-2-yl]-3,3,6,6-tetramethyl-4,5,7,9-tetrahydro-2~{H}-xanthene-1,8-dione
#
loop_
_entity_poly.entity_id
_entity_poly.type
_entity_poly.pdbx_seq_one_letter_code
_entity_poly.pdbx_strand_id
1 'polypeptide(L)'
;MGCTLSAEDKAAVERSKMIDRNLREDGEKAAREVKLLLLGAGESGKSTIVKQMKIIHEAGYSEEECKQYKAVVYSNTIQS
IIAIIRAMGRLKIDFGDSARADDARQLFVLAGAAEEGFMTAELAGVIKRLWKDSGVQACFNRSREYQLNDSAAYYLNDLD
RIAQPNYIPTQQDVLRTRVKTTGIVETHFTFKDLHFKMFDVGAQRSERKKWIHCFEGVTAIIFCVALSDYDLVLAEDEEM
NRMHESMKLFDSICNNKWFTDTSIILFLNKKDLFEEKIKKSPLTICYPEYAGSNTYEEAAAYIQCQFEDLNKRKDTKEIY
THFTCSTDTKNVQFVFDAVTDVIIKNNLKDCGLF
;
A
2 'polypeptide(L)'
;MHHHHHHHHGSLLQSELDQLRQEAEQLKNQIRDARKACADATLSQITNNIDPVGRIQMRTRRTLRGHLAKIYAMHWGTDS
RLLVSASQDGKLIIWDSYTTNKVHAIPLRSSWVMTCAYAPSGNYVACGGLDNICSIYNLKTREGNVRVSRELAGHTGYLS
CCRFLDDNQIVTSSGDTTCALWDIETGQQTTTFTGHTGDVMSLSLAPDTRLFVSGACDASAKLWDVREGMCRQTFTGHES
DINAICFFPNGNAFATGSDDATCRLFDLRADQELMTYSHDNIICGITSVSFSKSGRLLLAGYDDFNCNVWDALKADRAGV
LAGHDNRVSCLGVTDDGMAVATGSWDSFLKIWN
;
B
3 'polypeptide(L)' MASNNTASIAQARKLVEQLKMEANIDRIKVSKAAADLMAYCEAHAKEDPLLTPVPASENPFREKKFFC C
4 'polypeptide(L)'
;MVQLVESGGGLVQPGGSRKLSCSASGFAFSSFGMHWVRQAPEKGLEWVAYISSGSGTIYYADTVKGRFTISRDDPKNTLF
LQMTSLRSEDTAMYYCVRSIYYYGSSPFDFWGQGTTLTVSAGGGGSGGGGSGGGGSADIVMTQATSSVPVTPGESVSISC
RSSKSLLHSNGNTYLYWFLQRPGQSPQLLIYRMSNLASGVPDRFSGSGSGTAFTLTISRLEAEDVGVYYCMQHLEYPLTF
GAGTKLEL
;
E
5 'polypeptide(L)'
;DYKDDDDVDSSAAPTNASNCTDALAYSSCSPAPSPGSWVNLSHLDGNLSDPCGPNRTDLGGRDSLCPPTGSPSMITAITI
MALYSIVCVVGLFGNFLVMYVIVRYTKMKTATNIYIFNLALADALATSTLPFQSVNYLMGTWPFGTILCKIVISIDYYNM
FTSIFTLCTMSVDRYIAVCHPVKALDFRTPRNAKIINVCNWILSSAIGLPVMFMATTKYRQGSIDCTLTFSHPTWYWENL
LKICVFIFAFIMPVLIITVCYGLMILRLKSVRMLSGSKEKDRNLRRITRMVLVVVAVFIVCWTPIHIYVIIKALVTIPET
TFQTVSWHFCIALGYTNSCLNPVLYAFLDENFKRCFREFCIPTSSNIEQQNSTRIRQNTRDHPSTANTVDRTNHQHHHHH
HHH
;
R
6 'polypeptide(L)' Y(DAL)G(MEA)(ETA) D
#
# COMPACT_ATOMS: atom_id res chain seq x y z
N THR A 4 13.26 -11.21 24.31
CA THR A 4 12.48 -10.52 23.29
C THR A 4 13.15 -10.65 21.92
N LEU A 5 13.70 -9.55 21.43
CA LEU A 5 14.35 -9.51 20.13
C LEU A 5 15.86 -9.44 20.31
N SER A 6 16.58 -10.18 19.45
CA SER A 6 18.03 -10.10 19.46
C SER A 6 18.48 -8.76 18.90
N ALA A 7 19.79 -8.54 18.94
CA ALA A 7 20.34 -7.27 18.46
C ALA A 7 20.08 -7.08 16.97
N GLU A 8 20.36 -8.12 16.17
CA GLU A 8 20.14 -8.04 14.74
C GLU A 8 18.66 -7.93 14.42
N ASP A 9 17.80 -8.55 15.24
CA ASP A 9 16.37 -8.40 15.05
C ASP A 9 15.94 -6.96 15.24
N LYS A 10 16.47 -6.30 16.27
CA LYS A 10 16.12 -4.90 16.50
C LYS A 10 16.64 -4.01 15.38
N ALA A 11 17.84 -4.30 14.87
CA ALA A 11 18.36 -3.52 13.75
C ALA A 11 17.51 -3.72 12.49
N ALA A 12 17.07 -4.96 12.25
CA ALA A 12 16.18 -5.22 11.12
C ALA A 12 14.85 -4.49 11.27
N VAL A 13 14.33 -4.43 12.50
CA VAL A 13 13.09 -3.70 12.74
C VAL A 13 13.29 -2.22 12.45
N GLU A 14 14.43 -1.65 12.86
CA GLU A 14 14.72 -0.26 12.54
C GLU A 14 14.78 -0.02 11.04
N ARG A 15 15.42 -0.95 10.31
CA ARG A 15 15.47 -0.84 8.85
C ARG A 15 14.06 -0.86 8.25
N SER A 16 13.21 -1.76 8.74
CA SER A 16 11.84 -1.82 8.26
C SER A 16 11.09 -0.53 8.55
N LYS A 17 11.34 0.08 9.72
CA LYS A 17 10.70 1.35 10.04
C LYS A 17 11.13 2.45 9.09
N MET A 18 12.42 2.50 8.75
CA MET A 18 12.88 3.49 7.77
C MET A 18 12.26 3.25 6.40
N ILE A 19 12.11 1.99 6.01
CA ILE A 19 11.45 1.68 4.75
C ILE A 19 10.00 2.16 4.78
N ASP A 20 9.32 1.97 5.92
CA ASP A 20 7.95 2.46 6.07
C ASP A 20 7.89 3.97 5.94
N ARG A 21 8.84 4.68 6.56
CA ARG A 21 8.87 6.13 6.47
C ARG A 21 9.03 6.58 5.02
N ASN A 22 9.93 5.94 4.28
CA ASN A 22 10.13 6.30 2.89
C ASN A 22 8.89 6.01 2.05
N LEU A 23 8.24 4.87 2.29
CA LEU A 23 7.02 4.54 1.57
C LEU A 23 5.92 5.55 1.84
N ARG A 24 5.74 5.95 3.10
CA ARG A 24 4.72 6.94 3.42
C ARG A 24 5.02 8.28 2.76
N GLU A 25 6.28 8.70 2.77
CA GLU A 25 6.63 9.95 2.11
C GLU A 25 6.35 9.88 0.61
N ASP A 26 6.69 8.76 -0.02
CA ASP A 26 6.43 8.60 -1.45
C ASP A 26 4.94 8.63 -1.75
N GLY A 27 4.14 7.96 -0.92
CA GLY A 27 2.69 7.98 -1.13
C GLY A 27 2.11 9.37 -0.95
N GLU A 28 2.59 10.11 0.06
CA GLU A 28 2.13 11.47 0.26
C GLU A 28 2.47 12.34 -0.94
N LYS A 29 3.68 12.19 -1.48
CA LYS A 29 4.05 12.94 -2.68
C LYS A 29 3.19 12.55 -3.87
N ALA A 30 2.88 11.25 -4.02
CA ALA A 30 2.14 10.79 -5.18
C ALA A 30 0.69 11.23 -5.14
N ALA A 31 0.09 11.27 -3.95
CA ALA A 31 -1.32 11.62 -3.84
C ALA A 31 -1.61 13.04 -4.29
N ARG A 32 -0.59 13.89 -4.37
CA ARG A 32 -0.74 15.28 -4.81
C ARG A 32 -0.62 15.44 -6.32
N GLU A 33 -0.77 14.35 -7.06
CA GLU A 33 -0.57 14.35 -8.50
C GLU A 33 -1.88 14.05 -9.21
N VAL A 34 -2.11 14.74 -10.33
CA VAL A 34 -3.30 14.56 -11.13
C VAL A 34 -2.99 13.55 -12.22
N LYS A 35 -3.81 12.51 -12.32
CA LYS A 35 -3.62 11.47 -13.32
C LYS A 35 -4.65 11.63 -14.44
N LEU A 36 -4.16 11.67 -15.67
CA LEU A 36 -5.00 11.82 -16.84
C LEU A 36 -4.73 10.67 -17.80
N LEU A 37 -5.79 10.03 -18.25
CA LEU A 37 -5.69 8.97 -19.24
C LEU A 37 -6.01 9.54 -20.61
N LEU A 38 -5.05 9.48 -21.53
CA LEU A 38 -5.20 10.06 -22.85
C LEU A 38 -5.65 8.98 -23.82
N LEU A 39 -6.83 9.18 -24.43
CA LEU A 39 -7.40 8.22 -25.36
C LEU A 39 -7.79 8.94 -26.66
N GLY A 40 -8.03 8.15 -27.69
CA GLY A 40 -8.43 8.66 -28.98
C GLY A 40 -8.14 7.63 -30.06
N ALA A 41 -8.07 8.10 -31.30
CA ALA A 41 -7.74 7.27 -32.44
C ALA A 41 -6.32 7.59 -32.90
N GLY A 42 -5.92 6.99 -34.02
CA GLY A 42 -4.55 7.13 -34.49
C GLY A 42 -4.20 8.56 -34.85
N GLU A 43 -5.08 9.22 -35.63
CA GLU A 43 -4.85 10.58 -36.06
C GLU A 43 -5.80 11.57 -35.40
N SER A 44 -6.20 11.31 -34.16
CA SER A 44 -7.09 12.22 -33.46
C SER A 44 -6.41 13.57 -33.21
N GLY A 45 -5.14 13.54 -32.85
CA GLY A 45 -4.43 14.77 -32.53
C GLY A 45 -3.73 14.71 -31.19
N LYS A 46 -3.59 13.50 -30.64
CA LYS A 46 -2.86 13.33 -29.39
C LYS A 46 -1.43 13.82 -29.52
N SER A 47 -0.82 13.64 -30.69
CA SER A 47 0.54 14.12 -30.89
C SER A 47 0.61 15.63 -30.87
N THR A 48 -0.54 16.30 -30.99
CA THR A 48 -0.57 17.75 -30.86
C THR A 48 -0.89 18.17 -29.43
N ILE A 49 -1.88 17.52 -28.80
CA ILE A 49 -2.18 17.82 -27.40
C ILE A 49 -0.94 17.66 -26.54
N VAL A 50 -0.23 16.55 -26.71
CA VAL A 50 1.15 16.52 -26.28
C VAL A 50 1.95 17.45 -27.19
N LYS A 51 2.82 18.26 -26.57
CA LYS A 51 3.54 19.39 -27.18
C LYS A 51 2.66 20.64 -27.26
N GLN A 52 1.39 20.54 -26.85
CA GLN A 52 0.74 21.71 -26.28
C GLN A 52 0.70 21.64 -24.77
N MET A 53 0.83 20.44 -24.20
CA MET A 53 0.85 20.29 -22.75
C MET A 53 2.27 20.49 -22.21
N LYS A 54 3.20 19.66 -22.69
CA LYS A 54 4.61 19.74 -22.26
C LYS A 54 5.40 20.71 -23.13
N ILE A 55 5.07 22.00 -23.01
CA ILE A 55 5.80 23.06 -23.69
C ILE A 55 5.90 22.83 -25.19
N THR A 182 8.10 0.73 -24.94
CA THR A 182 7.28 0.74 -26.15
C THR A 182 5.82 0.51 -25.83
N GLY A 183 5.48 0.56 -24.54
CA GLY A 183 4.11 0.37 -24.10
C GLY A 183 3.43 1.67 -23.75
N ILE A 184 3.14 1.86 -22.48
CA ILE A 184 2.51 3.09 -22.02
C ILE A 184 3.53 4.21 -22.05
N VAL A 185 3.08 5.42 -22.38
CA VAL A 185 3.94 6.60 -22.46
C VAL A 185 3.45 7.60 -21.43
N GLU A 186 4.34 8.00 -20.52
CA GLU A 186 3.99 8.94 -19.46
C GLU A 186 4.57 10.31 -19.77
N THR A 187 3.72 11.33 -19.71
CA THR A 187 4.11 12.71 -19.91
C THR A 187 3.90 13.47 -18.61
N HIS A 188 4.91 14.20 -18.18
CA HIS A 188 4.89 14.91 -16.91
C HIS A 188 4.88 16.40 -17.18
N PHE A 189 3.97 17.13 -16.54
CA PHE A 189 4.05 18.57 -16.62
C PHE A 189 3.46 19.20 -15.39
N THR A 190 3.65 20.52 -15.27
CA THR A 190 3.16 21.29 -14.14
C THR A 190 2.45 22.52 -14.66
N PHE A 191 1.46 22.97 -13.90
CA PHE A 191 0.68 24.14 -14.27
C PHE A 191 0.01 24.69 -13.02
N LYS A 192 0.31 25.94 -12.69
CA LYS A 192 -0.28 26.63 -11.53
C LYS A 192 -0.15 25.79 -10.27
N ASP A 193 1.06 25.29 -10.02
CA ASP A 193 1.43 24.50 -8.86
C ASP A 193 0.72 23.15 -8.80
N LEU A 194 0.19 22.66 -9.92
CA LEU A 194 -0.45 21.37 -9.99
C LEU A 194 0.34 20.47 -10.92
N HIS A 195 0.63 19.25 -10.47
CA HIS A 195 1.45 18.30 -11.22
C HIS A 195 0.56 17.29 -11.93
N PHE A 196 0.71 17.18 -13.25
CA PHE A 196 -0.07 16.26 -14.06
C PHE A 196 0.81 15.17 -14.64
N LYS A 197 0.32 13.94 -14.55
CA LYS A 197 0.89 12.78 -15.24
C LYS A 197 -0.15 12.29 -16.24
N MET A 198 0.17 12.40 -17.53
CA MET A 198 -0.74 11.95 -18.58
C MET A 198 -0.21 10.66 -19.18
N PHE A 199 -1.05 9.63 -19.20
CA PHE A 199 -0.65 8.31 -19.66
C PHE A 199 -1.32 8.01 -21.00
N ASP A 200 -0.50 7.75 -22.01
CA ASP A 200 -0.98 7.41 -23.35
C ASP A 200 -0.80 5.91 -23.55
N VAL A 201 -1.87 5.23 -23.94
CA VAL A 201 -1.86 3.79 -24.12
C VAL A 201 -2.15 3.45 -25.57
N GLY A 202 -1.79 4.36 -26.48
CA GLY A 202 -2.00 4.12 -27.89
C GLY A 202 -1.22 2.92 -28.42
N ALA A 203 -0.03 2.69 -27.86
CA ALA A 203 0.81 1.59 -28.34
C ALA A 203 0.16 0.24 -28.07
N GLN A 204 -0.56 0.12 -26.97
CA GLN A 204 -1.18 -1.15 -26.60
C GLN A 204 -2.20 -1.60 -27.63
N ARG A 205 -1.87 -2.64 -28.38
CA ARG A 205 -2.78 -3.21 -29.36
C ARG A 205 -3.56 -4.40 -28.83
N SER A 206 -3.36 -4.75 -27.56
CA SER A 206 -3.99 -5.91 -26.95
C SER A 206 -5.44 -5.59 -26.56
N GLU A 207 -6.10 -6.54 -25.93
CA GLU A 207 -7.49 -6.38 -25.54
C GLU A 207 -7.60 -5.38 -24.40
N ARG A 208 -8.33 -4.29 -24.62
CA ARG A 208 -8.43 -3.22 -23.64
C ARG A 208 -9.10 -3.67 -22.36
N LYS A 209 -9.96 -4.68 -22.43
CA LYS A 209 -10.72 -5.10 -21.25
C LYS A 209 -9.80 -5.64 -20.16
N LYS A 210 -8.69 -6.26 -20.54
CA LYS A 210 -7.83 -6.94 -19.58
C LYS A 210 -6.86 -6.00 -18.86
N TRP A 211 -6.78 -4.73 -19.25
CA TRP A 211 -5.87 -3.81 -18.59
C TRP A 211 -6.47 -2.43 -18.31
N ILE A 212 -7.74 -2.20 -18.64
CA ILE A 212 -8.30 -0.86 -18.45
C ILE A 212 -8.55 -0.59 -16.97
N HIS A 213 -8.84 -1.63 -16.18
CA HIS A 213 -9.11 -1.42 -14.77
C HIS A 213 -7.89 -0.90 -14.02
N CYS A 214 -6.70 -0.99 -14.62
CA CYS A 214 -5.52 -0.39 -14.02
C CYS A 214 -5.63 1.12 -13.90
N PHE A 215 -6.51 1.74 -14.68
CA PHE A 215 -6.70 3.18 -14.66
C PHE A 215 -7.99 3.59 -13.96
N GLU A 216 -8.48 2.73 -13.06
CA GLU A 216 -9.77 2.98 -12.41
C GLU A 216 -9.75 4.26 -11.58
N GLY A 217 -8.66 4.50 -10.86
CA GLY A 217 -8.57 5.66 -10.01
C GLY A 217 -8.05 6.92 -10.69
N VAL A 218 -8.02 6.95 -12.03
CA VAL A 218 -7.49 8.09 -12.73
C VAL A 218 -8.34 9.32 -12.44
N THR A 219 -7.69 10.49 -12.35
CA THR A 219 -8.41 11.72 -12.04
C THR A 219 -9.30 12.13 -13.20
N ALA A 220 -8.82 12.04 -14.43
CA ALA A 220 -9.66 12.41 -15.56
C ALA A 220 -9.23 11.65 -16.80
N ILE A 221 -10.12 11.65 -17.79
CA ILE A 221 -9.85 11.08 -19.10
C ILE A 221 -9.89 12.19 -20.13
N ILE A 222 -8.83 12.32 -20.91
CA ILE A 222 -8.78 13.26 -22.02
C ILE A 222 -8.99 12.47 -23.30
N PHE A 223 -10.11 12.71 -23.96
CA PHE A 223 -10.46 12.03 -25.19
C PHE A 223 -10.24 12.97 -26.37
N CYS A 224 -9.44 12.54 -27.33
CA CYS A 224 -9.11 13.35 -28.49
C CYS A 224 -9.78 12.75 -29.72
N VAL A 225 -10.32 13.62 -30.56
CA VAL A 225 -10.93 13.22 -31.83
C VAL A 225 -10.82 14.37 -32.81
N ALA A 226 -10.50 14.06 -34.06
CA ALA A 226 -10.32 15.07 -35.08
C ALA A 226 -11.63 15.31 -35.81
N LEU A 227 -12.06 16.56 -35.85
CA LEU A 227 -13.33 16.90 -36.51
C LEU A 227 -13.25 16.67 -38.01
N SER A 228 -12.06 16.78 -38.60
CA SER A 228 -11.88 16.68 -40.04
C SER A 228 -11.94 15.24 -40.55
N ASP A 229 -12.35 14.28 -39.72
CA ASP A 229 -12.45 12.89 -40.13
C ASP A 229 -13.90 12.43 -40.30
N TYR A 230 -14.84 13.36 -40.39
CA TYR A 230 -16.24 12.95 -40.51
C TYR A 230 -16.52 12.28 -41.85
N ASP A 231 -15.77 12.64 -42.89
CA ASP A 231 -15.95 12.05 -44.21
C ASP A 231 -14.92 10.99 -44.56
N LEU A 232 -13.74 11.06 -43.93
CA LEU A 232 -12.68 10.12 -44.25
C LEU A 232 -13.04 8.70 -43.81
N VAL A 233 -12.60 7.73 -44.60
CA VAL A 233 -12.84 6.32 -44.32
C VAL A 233 -11.57 5.75 -43.69
N LEU A 234 -11.74 4.72 -42.87
CA LEU A 234 -10.61 4.06 -42.21
C LEU A 234 -9.56 3.64 -43.22
N ALA A 235 -8.32 3.48 -42.73
CA ALA A 235 -7.21 3.11 -43.61
C ALA A 235 -7.47 1.77 -44.28
N GLU A 236 -8.22 0.88 -43.64
CA GLU A 236 -8.58 -0.39 -44.26
C GLU A 236 -9.53 -0.23 -45.43
N ASP A 237 -10.13 0.95 -45.61
CA ASP A 237 -11.07 1.22 -46.69
C ASP A 237 -12.23 0.22 -46.67
N GLU A 238 -12.68 -0.11 -45.46
CA GLU A 238 -13.78 -1.05 -45.26
C GLU A 238 -15.14 -0.36 -45.20
N GLU A 239 -15.25 0.83 -45.81
CA GLU A 239 -16.48 1.62 -45.81
C GLU A 239 -16.96 1.86 -44.37
N MET A 240 -16.03 2.16 -43.48
CA MET A 240 -16.34 2.50 -42.09
C MET A 240 -15.84 3.90 -41.81
N ASN A 241 -16.76 4.79 -41.41
CA ASN A 241 -16.38 6.17 -41.15
C ASN A 241 -15.52 6.26 -39.90
N ARG A 242 -14.49 7.12 -39.97
CA ARG A 242 -13.62 7.32 -38.80
C ARG A 242 -14.39 7.97 -37.65
N MET A 243 -15.29 8.91 -37.98
CA MET A 243 -16.06 9.57 -36.94
C MET A 243 -16.95 8.59 -36.20
N HIS A 244 -17.56 7.65 -36.92
CA HIS A 244 -18.38 6.63 -36.26
C HIS A 244 -17.53 5.73 -35.38
N GLU A 245 -16.32 5.40 -35.81
CA GLU A 245 -15.41 4.63 -34.96
C GLU A 245 -15.07 5.39 -33.70
N SER A 246 -14.80 6.69 -33.82
CA SER A 246 -14.50 7.49 -32.64
C SER A 246 -15.70 7.56 -31.70
N MET A 247 -16.90 7.68 -32.25
CA MET A 247 -18.10 7.70 -31.42
C MET A 247 -18.29 6.36 -30.71
N LYS A 248 -18.01 5.25 -31.41
CA LYS A 248 -18.13 3.94 -30.78
C LYS A 248 -17.13 3.78 -29.65
N LEU A 249 -15.89 4.22 -29.86
CA LEU A 249 -14.89 4.15 -28.80
C LEU A 249 -15.29 5.03 -27.61
N PHE A 250 -15.80 6.22 -27.88
CA PHE A 250 -16.24 7.10 -26.81
C PHE A 250 -17.40 6.48 -26.04
N ASP A 251 -18.32 5.81 -26.74
CA ASP A 251 -19.41 5.11 -26.07
C ASP A 251 -18.87 4.00 -25.18
N SER A 252 -17.91 3.24 -25.68
CA SER A 252 -17.34 2.14 -24.90
C SER A 252 -16.63 2.66 -23.64
N ILE A 253 -15.85 3.73 -23.77
CA ILE A 253 -15.11 4.25 -22.63
C ILE A 253 -16.05 4.93 -21.65
N CYS A 254 -16.98 5.75 -22.14
CA CYS A 254 -17.87 6.51 -21.25
C CYS A 254 -18.76 5.58 -20.43
N ASN A 255 -19.35 4.58 -21.06
CA ASN A 255 -20.22 3.63 -20.39
C ASN A 255 -19.44 2.38 -20.02
N ASN A 256 -18.49 2.57 -19.11
CA ASN A 256 -17.62 1.52 -18.64
C ASN A 256 -17.80 1.36 -17.14
N LYS A 257 -17.73 0.11 -16.65
CA LYS A 257 -17.94 -0.13 -15.23
C LYS A 257 -16.85 0.53 -14.39
N TRP A 258 -15.62 0.59 -14.91
CA TRP A 258 -14.52 1.20 -14.17
C TRP A 258 -14.56 2.72 -14.23
N PHE A 259 -15.25 3.30 -15.21
CA PHE A 259 -15.40 4.75 -15.36
C PHE A 259 -16.88 5.07 -15.34
N THR A 260 -17.45 5.20 -14.15
CA THR A 260 -18.84 5.60 -13.99
C THR A 260 -18.99 7.01 -13.46
N ASP A 261 -18.00 7.50 -12.71
CA ASP A 261 -18.02 8.85 -12.18
C ASP A 261 -16.78 9.64 -12.59
N THR A 262 -16.04 9.15 -13.59
CA THR A 262 -14.83 9.81 -14.06
C THR A 262 -15.20 10.80 -15.15
N SER A 263 -14.94 12.08 -14.91
CA SER A 263 -15.24 13.10 -15.90
C SER A 263 -14.34 12.95 -17.11
N ILE A 264 -14.86 13.33 -18.27
CA ILE A 264 -14.16 13.18 -19.55
C ILE A 264 -13.93 14.56 -20.12
N ILE A 265 -12.67 14.89 -20.40
CA ILE A 265 -12.30 16.16 -21.04
C ILE A 265 -12.20 15.87 -22.53
N LEU A 266 -13.27 16.14 -23.26
CA LEU A 266 -13.32 15.86 -24.68
C LEU A 266 -12.66 17.00 -25.47
N PHE A 267 -11.75 16.63 -26.37
CA PHE A 267 -11.10 17.58 -27.25
C PHE A 267 -11.51 17.29 -28.68
N LEU A 268 -12.05 18.30 -29.37
CA LEU A 268 -12.38 18.21 -30.78
C LEU A 268 -11.31 18.98 -31.55
N ASN A 269 -10.45 18.24 -32.26
CA ASN A 269 -9.27 18.82 -32.87
C ASN A 269 -9.51 19.15 -34.34
N LYS A 270 -8.58 19.94 -34.90
CA LYS A 270 -8.59 20.34 -36.31
C LYS A 270 -9.87 21.09 -36.67
N LYS A 271 -10.13 22.18 -35.94
CA LYS A 271 -11.35 22.94 -36.19
C LYS A 271 -11.28 23.70 -37.51
N ASP A 272 -10.14 24.35 -37.79
CA ASP A 272 -10.04 25.11 -39.04
C ASP A 272 -9.98 24.19 -40.26
N LEU A 273 -9.26 23.07 -40.13
CA LEU A 273 -9.27 22.08 -41.20
C LEU A 273 -10.68 21.55 -41.41
N PHE A 274 -11.44 21.38 -40.33
CA PHE A 274 -12.83 20.95 -40.45
C PHE A 274 -13.65 22.00 -41.18
N GLU A 275 -13.39 23.29 -40.92
CA GLU A 275 -14.07 24.36 -41.65
C GLU A 275 -13.78 24.26 -43.15
N GLU A 276 -12.50 24.10 -43.49
CA GLU A 276 -12.12 24.00 -44.89
C GLU A 276 -12.79 22.80 -45.55
N LYS A 277 -12.83 21.67 -44.85
CA LYS A 277 -13.44 20.47 -45.40
C LYS A 277 -14.96 20.64 -45.53
N ILE A 278 -15.58 21.41 -44.64
CA ILE A 278 -17.04 21.43 -44.61
C ILE A 278 -17.61 22.49 -45.55
N LYS A 279 -16.86 23.54 -45.88
CA LYS A 279 -17.40 24.51 -46.82
C LYS A 279 -17.71 23.87 -48.18
N LYS A 280 -17.02 22.78 -48.51
CA LYS A 280 -17.27 22.06 -49.75
C LYS A 280 -18.14 20.82 -49.54
N SER A 281 -17.79 19.97 -48.55
CA SER A 281 -18.57 18.76 -48.32
C SER A 281 -19.55 18.96 -47.18
N PRO A 282 -20.75 18.40 -47.29
CA PRO A 282 -21.74 18.55 -46.22
C PRO A 282 -21.53 17.54 -45.10
N LEU A 283 -22.04 17.89 -43.92
CA LEU A 283 -21.97 17.01 -42.77
C LEU A 283 -22.88 15.80 -42.90
N THR A 284 -23.77 15.79 -43.89
CA THR A 284 -24.68 14.66 -44.08
C THR A 284 -23.94 13.39 -44.46
N ILE A 285 -22.67 13.49 -44.85
CA ILE A 285 -21.89 12.30 -45.19
C ILE A 285 -21.76 11.38 -43.98
N CYS A 286 -21.47 11.97 -42.80
CA CYS A 286 -21.36 11.19 -41.57
C CYS A 286 -22.68 11.09 -40.82
N TYR A 287 -23.54 12.10 -40.92
CA TYR A 287 -24.83 12.13 -40.24
C TYR A 287 -25.93 12.39 -41.26
N PRO A 288 -26.42 11.35 -41.93
CA PRO A 288 -27.49 11.55 -42.92
C PRO A 288 -28.75 12.15 -42.31
N GLU A 289 -28.98 11.95 -41.01
CA GLU A 289 -30.16 12.50 -40.36
C GLU A 289 -30.03 13.98 -40.04
N TYR A 290 -28.87 14.58 -40.31
CA TYR A 290 -28.67 15.99 -40.00
C TYR A 290 -29.66 16.86 -40.76
N ALA A 291 -30.29 17.79 -40.04
CA ALA A 291 -31.32 18.65 -40.61
C ALA A 291 -30.96 20.12 -40.50
N GLY A 292 -29.68 20.43 -40.34
CA GLY A 292 -29.22 21.80 -40.22
C GLY A 292 -28.41 22.25 -41.41
N SER A 293 -27.92 23.49 -41.31
CA SER A 293 -27.13 24.08 -42.37
C SER A 293 -25.69 23.56 -42.32
N ASN A 294 -24.87 24.01 -43.26
CA ASN A 294 -23.46 23.65 -43.32
C ASN A 294 -22.56 24.72 -42.71
N THR A 295 -23.12 25.60 -41.89
CA THR A 295 -22.32 26.57 -41.16
C THR A 295 -21.41 25.85 -40.17
N TYR A 296 -20.19 26.38 -39.99
CA TYR A 296 -19.24 25.75 -39.09
C TYR A 296 -19.80 25.68 -37.66
N GLU A 297 -20.39 26.77 -37.19
CA GLU A 297 -20.88 26.78 -35.82
C GLU A 297 -21.98 25.74 -35.61
N GLU A 298 -22.93 25.67 -36.56
CA GLU A 298 -24.04 24.73 -36.44
C GLU A 298 -23.53 23.29 -36.44
N ALA A 299 -22.63 22.95 -37.36
CA ALA A 299 -22.14 21.59 -37.45
C ALA A 299 -21.27 21.23 -36.25
N ALA A 300 -20.46 22.15 -35.78
CA ALA A 300 -19.65 21.90 -34.59
C ALA A 300 -20.54 21.66 -33.37
N ALA A 301 -21.59 22.46 -33.22
CA ALA A 301 -22.52 22.23 -32.12
C ALA A 301 -23.23 20.89 -32.26
N TYR A 302 -23.60 20.52 -33.49
CA TYR A 302 -24.25 19.23 -33.70
C TYR A 302 -23.34 18.07 -33.35
N ILE A 303 -22.06 18.16 -33.74
CA ILE A 303 -21.12 17.09 -33.44
C ILE A 303 -20.87 17.00 -31.93
N GLN A 304 -20.72 18.15 -31.28
CA GLN A 304 -20.55 18.13 -29.83
C GLN A 304 -21.75 17.52 -29.13
N CYS A 305 -22.96 17.85 -29.58
CA CYS A 305 -24.16 17.27 -28.99
C CYS A 305 -24.22 15.76 -29.26
N GLN A 306 -23.83 15.33 -30.46
CA GLN A 306 -23.83 13.90 -30.77
C GLN A 306 -22.88 13.15 -29.86
N PHE A 307 -21.71 13.72 -29.59
CA PHE A 307 -20.77 13.07 -28.67
C PHE A 307 -21.28 13.08 -27.24
N GLU A 308 -21.85 14.21 -26.80
CA GLU A 308 -22.27 14.34 -25.42
C GLU A 308 -23.55 13.57 -25.10
N ASP A 309 -24.34 13.21 -26.12
CA ASP A 309 -25.53 12.42 -25.86
C ASP A 309 -25.20 10.97 -25.53
N LEU A 310 -23.98 10.52 -25.80
CA LEU A 310 -23.59 9.16 -25.45
C LEU A 310 -23.42 8.98 -23.96
N ASN A 311 -23.34 10.07 -23.20
CA ASN A 311 -23.23 10.01 -21.75
C ASN A 311 -24.55 9.51 -21.18
N LYS A 312 -24.56 8.24 -20.75
CA LYS A 312 -25.81 7.67 -20.23
C LYS A 312 -26.12 8.20 -18.83
N ARG A 313 -25.11 8.31 -17.97
CA ARG A 313 -25.32 8.77 -16.60
C ARG A 313 -24.95 10.25 -16.52
N LYS A 314 -25.85 11.09 -17.03
CA LYS A 314 -25.60 12.52 -17.07
C LYS A 314 -25.66 13.18 -15.71
N ASP A 315 -26.23 12.51 -14.70
CA ASP A 315 -26.31 13.10 -13.38
C ASP A 315 -24.97 13.10 -12.66
N THR A 316 -24.12 12.11 -12.93
CA THR A 316 -22.85 11.96 -12.24
C THR A 316 -21.65 12.38 -13.08
N LYS A 317 -21.49 11.80 -14.26
CA LYS A 317 -20.33 12.08 -15.10
C LYS A 317 -20.52 13.42 -15.81
N GLU A 318 -19.42 14.16 -15.93
CA GLU A 318 -19.41 15.45 -16.62
C GLU A 318 -18.45 15.38 -17.79
N ILE A 319 -18.90 15.86 -18.95
CA ILE A 319 -18.08 15.89 -20.16
C ILE A 319 -17.75 17.34 -20.47
N TYR A 320 -16.47 17.66 -20.51
CA TYR A 320 -15.98 18.99 -20.86
C TYR A 320 -15.51 18.95 -22.30
N THR A 321 -16.05 19.85 -23.12
CA THR A 321 -15.74 19.89 -24.54
C THR A 321 -15.02 21.18 -24.89
N HIS A 322 -14.01 21.06 -25.76
CA HIS A 322 -13.18 22.19 -26.13
C HIS A 322 -12.80 22.05 -27.59
N PHE A 323 -12.56 23.18 -28.25
CA PHE A 323 -12.19 23.23 -29.65
C PHE A 323 -10.79 23.81 -29.79
N THR A 324 -9.93 23.14 -30.54
CA THR A 324 -8.58 23.60 -30.78
C THR A 324 -7.98 22.84 -31.95
N CYS A 325 -7.33 23.54 -32.87
CA CYS A 325 -6.67 22.82 -33.96
C CYS A 325 -5.19 22.60 -33.74
N SER A 326 -4.40 23.67 -33.78
CA SER A 326 -2.95 23.54 -33.63
C SER A 326 -2.29 24.64 -32.81
N THR A 327 -2.88 25.82 -32.68
CA THR A 327 -2.15 26.98 -32.17
C THR A 327 -2.64 27.48 -30.83
N ASP A 328 -3.84 27.08 -30.39
CA ASP A 328 -4.37 27.57 -29.12
C ASP A 328 -3.46 27.15 -27.98
N THR A 329 -3.14 28.10 -27.11
CA THR A 329 -2.32 27.84 -25.93
C THR A 329 -3.16 27.81 -24.65
N LYS A 330 -4.48 27.72 -24.79
CA LYS A 330 -5.38 27.67 -23.66
C LYS A 330 -5.83 26.26 -23.32
N ASN A 331 -5.27 25.24 -23.98
CA ASN A 331 -5.67 23.87 -23.69
C ASN A 331 -5.25 23.46 -22.29
N VAL A 332 -4.06 23.85 -21.86
CA VAL A 332 -3.62 23.52 -20.51
C VAL A 332 -4.49 24.22 -19.49
N GLN A 333 -4.92 25.45 -19.80
CA GLN A 333 -5.85 26.16 -18.92
C GLN A 333 -7.19 25.44 -18.83
N PHE A 334 -7.69 24.94 -19.95
CA PHE A 334 -8.95 24.21 -19.94
C PHE A 334 -8.85 22.93 -19.12
N VAL A 335 -7.75 22.19 -19.30
CA VAL A 335 -7.54 20.98 -18.51
C VAL A 335 -7.42 21.32 -17.03
N PHE A 336 -6.74 22.43 -16.72
CA PHE A 336 -6.61 22.85 -15.33
C PHE A 336 -7.97 23.17 -14.72
N ASP A 337 -8.83 23.86 -15.47
CA ASP A 337 -10.15 24.19 -14.96
C ASP A 337 -10.99 22.93 -14.72
N ALA A 338 -10.97 22.00 -15.68
CA ALA A 338 -11.72 20.76 -15.50
C ALA A 338 -11.21 19.95 -14.32
N VAL A 339 -9.89 19.88 -14.16
CA VAL A 339 -9.31 19.15 -13.04
C VAL A 339 -9.64 19.85 -11.72
N THR A 340 -9.68 21.18 -11.72
CA THR A 340 -10.07 21.90 -10.51
C THR A 340 -11.49 21.56 -10.11
N ASP A 341 -12.40 21.49 -11.10
CA ASP A 341 -13.77 21.07 -10.79
C ASP A 341 -13.81 19.66 -10.25
N VAL A 342 -13.03 18.74 -10.83
CA VAL A 342 -13.01 17.37 -10.36
C VAL A 342 -12.51 17.30 -8.92
N ILE A 343 -11.46 18.06 -8.61
CA ILE A 343 -10.92 18.08 -7.26
C ILE A 343 -11.94 18.66 -6.29
N ILE A 344 -12.67 19.69 -6.71
CA ILE A 344 -13.70 20.26 -5.84
C ILE A 344 -14.78 19.22 -5.54
N LYS A 345 -15.20 18.47 -6.56
CA LYS A 345 -16.20 17.43 -6.34
C LYS A 345 -15.68 16.34 -5.40
N ASN A 346 -14.41 15.94 -5.58
CA ASN A 346 -13.83 14.94 -4.69
C ASN A 346 -13.75 15.44 -3.26
N ASN A 347 -13.39 16.71 -3.09
CA ASN A 347 -13.31 17.29 -1.75
C ASN A 347 -14.69 17.39 -1.11
N LEU A 348 -15.71 17.73 -1.90
CA LEU A 348 -17.07 17.75 -1.37
C LEU A 348 -17.51 16.36 -0.92
N LYS A 349 -17.19 15.34 -1.71
CA LYS A 349 -17.49 13.97 -1.29
C LYS A 349 -16.74 13.61 -0.01
N ASP A 350 -15.48 14.01 0.09
CA ASP A 350 -14.68 13.69 1.27
C ASP A 350 -15.23 14.38 2.51
N CYS A 351 -15.61 15.65 2.39
CA CYS A 351 -16.09 16.43 3.53
C CYS A 351 -17.49 16.02 3.97
N GLY A 352 -18.17 15.16 3.23
CA GLY A 352 -19.50 14.76 3.59
C GLY A 352 -20.60 15.70 3.15
N LEU A 353 -20.27 16.77 2.42
CA LEU A 353 -21.30 17.64 1.88
C LEU A 353 -21.93 17.09 0.62
N PHE A 354 -21.34 16.08 -0.01
CA PHE A 354 -21.83 15.59 -1.28
C PHE A 354 -21.66 14.07 -1.38
N ASP B 18 -10.80 -23.75 -50.18
CA ASP B 18 -9.91 -24.90 -50.28
C ASP B 18 -10.42 -26.07 -49.44
N GLN B 19 -9.50 -26.93 -48.99
CA GLN B 19 -9.84 -28.08 -48.19
C GLN B 19 -9.06 -28.18 -46.89
N LEU B 20 -8.18 -27.21 -46.60
CA LEU B 20 -7.36 -27.30 -45.39
C LEU B 20 -8.20 -27.19 -44.13
N ARG B 21 -9.21 -26.32 -44.14
CA ARG B 21 -10.08 -26.19 -42.98
C ARG B 21 -10.91 -27.45 -42.76
N GLN B 22 -11.26 -28.15 -43.84
CA GLN B 22 -11.93 -29.44 -43.68
C GLN B 22 -11.01 -30.45 -43.01
N GLU B 23 -9.73 -30.46 -43.39
CA GLU B 23 -8.77 -31.36 -42.75
C GLU B 23 -8.62 -31.02 -41.27
N ALA B 24 -8.57 -29.73 -40.95
CA ALA B 24 -8.50 -29.33 -39.54
C ALA B 24 -9.75 -29.77 -38.79
N GLU B 25 -10.93 -29.64 -39.41
CA GLU B 25 -12.15 -30.03 -38.74
C GLU B 25 -12.21 -31.53 -38.50
N GLN B 26 -11.77 -32.34 -39.49
CA GLN B 26 -11.78 -33.78 -39.29
C GLN B 26 -10.73 -34.20 -38.27
N LEU B 27 -9.59 -33.52 -38.21
CA LEU B 27 -8.62 -33.80 -37.16
C LEU B 27 -9.20 -33.48 -35.79
N LYS B 28 -9.94 -32.37 -35.69
CA LYS B 28 -10.59 -32.03 -34.42
C LYS B 28 -11.62 -33.09 -34.03
N ASN B 29 -12.40 -33.57 -35.00
CA ASN B 29 -13.37 -34.62 -34.71
C ASN B 29 -12.67 -35.91 -34.27
N GLN B 30 -11.55 -36.26 -34.90
CA GLN B 30 -10.80 -37.44 -34.50
C GLN B 30 -10.28 -37.30 -33.07
N ILE B 31 -9.75 -36.12 -32.73
CA ILE B 31 -9.24 -35.89 -31.38
C ILE B 31 -10.37 -35.96 -30.36
N ARG B 32 -11.53 -35.38 -30.72
CA ARG B 32 -12.68 -35.41 -29.81
C ARG B 32 -13.14 -36.85 -29.57
N ASP B 33 -13.21 -37.66 -30.63
CA ASP B 33 -13.60 -39.05 -30.47
C ASP B 33 -12.58 -39.83 -29.64
N ALA B 34 -11.30 -39.55 -29.86
CA ALA B 34 -10.26 -40.22 -29.06
C ALA B 34 -10.39 -39.88 -27.58
N ARG B 35 -10.64 -38.60 -27.28
CA ARG B 35 -10.83 -38.20 -25.89
C ARG B 35 -12.07 -38.82 -25.29
N LYS B 36 -13.16 -38.88 -26.05
CA LYS B 36 -14.39 -39.48 -25.55
C LYS B 36 -14.20 -40.96 -25.26
N ALA B 37 -13.52 -41.68 -26.15
CA ALA B 37 -13.21 -43.08 -25.89
C ALA B 37 -12.32 -43.22 -24.67
N CYS B 38 -11.36 -42.31 -24.52
CA CYS B 38 -10.52 -42.31 -23.32
C CYS B 38 -11.33 -42.08 -22.06
N ALA B 39 -12.41 -41.30 -22.14
CA ALA B 39 -13.22 -40.95 -20.97
C ALA B 39 -14.11 -42.13 -20.59
N ASP B 40 -13.48 -43.15 -20.02
CA ASP B 40 -14.22 -44.33 -19.61
C ASP B 40 -15.02 -44.11 -18.32
N ALA B 41 -14.52 -43.28 -17.42
CA ALA B 41 -15.18 -43.01 -16.15
C ALA B 41 -15.06 -41.53 -15.81
N THR B 42 -15.38 -41.18 -14.57
CA THR B 42 -15.36 -39.80 -14.11
C THR B 42 -14.67 -39.74 -12.76
N LEU B 43 -13.89 -38.67 -12.54
CA LEU B 43 -13.18 -38.51 -11.28
C LEU B 43 -14.15 -38.35 -10.11
N SER B 44 -15.24 -37.61 -10.32
CA SER B 44 -16.19 -37.37 -9.24
C SER B 44 -16.84 -38.66 -8.77
N GLN B 45 -17.24 -39.52 -9.70
CA GLN B 45 -17.85 -40.79 -9.31
C GLN B 45 -16.83 -41.76 -8.75
N ILE B 46 -15.57 -41.68 -9.23
CA ILE B 46 -14.54 -42.56 -8.70
C ILE B 46 -14.21 -42.20 -7.26
N THR B 47 -14.18 -40.91 -6.94
CA THR B 47 -13.79 -40.44 -5.62
C THR B 47 -14.92 -40.53 -4.59
N ASN B 48 -16.04 -41.18 -4.92
CA ASN B 48 -17.10 -41.34 -3.92
C ASN B 48 -16.63 -42.12 -2.71
N ASN B 49 -15.67 -43.04 -2.90
CA ASN B 49 -15.23 -43.92 -1.83
C ASN B 49 -14.56 -43.14 -0.69
N ILE B 50 -13.75 -42.14 -1.02
CA ILE B 50 -13.00 -41.41 0.00
C ILE B 50 -13.94 -40.49 0.77
N ASP B 51 -13.47 -39.97 1.90
CA ASP B 51 -14.19 -39.14 2.84
C ASP B 51 -13.80 -37.68 2.69
N PRO B 52 -14.71 -36.75 2.99
CA PRO B 52 -14.40 -35.32 2.82
C PRO B 52 -13.33 -34.86 3.80
N VAL B 53 -12.67 -33.76 3.44
CA VAL B 53 -11.63 -33.22 4.29
C VAL B 53 -12.22 -32.47 5.48
N GLY B 54 -13.51 -32.21 5.49
CA GLY B 54 -14.13 -31.45 6.55
C GLY B 54 -13.98 -29.96 6.36
N ARG B 55 -14.57 -29.20 7.28
CA ARG B 55 -14.54 -27.75 7.19
C ARG B 55 -13.13 -27.21 7.43
N ILE B 56 -12.46 -26.79 6.36
CA ILE B 56 -11.15 -26.15 6.47
C ILE B 56 -11.38 -24.71 6.89
N GLN B 57 -10.80 -24.32 8.02
CA GLN B 57 -11.05 -22.99 8.59
C GLN B 57 -9.73 -22.43 9.08
N MET B 58 -9.18 -21.47 8.35
CA MET B 58 -7.91 -20.84 8.67
C MET B 58 -8.13 -19.43 9.20
N ARG B 59 -7.11 -18.89 9.84
CA ARG B 59 -7.15 -17.56 10.43
C ARG B 59 -6.03 -16.71 9.86
N THR B 60 -6.23 -15.39 9.89
CA THR B 60 -5.23 -14.45 9.42
C THR B 60 -4.12 -14.34 10.46
N ARG B 61 -3.00 -15.04 10.22
CA ARG B 61 -1.89 -14.98 11.15
C ARG B 61 -1.16 -13.64 11.06
N ARG B 62 -0.89 -13.17 9.85
CA ARG B 62 -0.16 -11.93 9.64
C ARG B 62 -0.89 -11.07 8.63
N THR B 63 -0.77 -9.76 8.80
CA THR B 63 -1.32 -8.77 7.86
C THR B 63 -0.18 -7.84 7.46
N LEU B 64 0.31 -8.01 6.25
CA LEU B 64 1.39 -7.18 5.71
C LEU B 64 0.77 -5.96 5.04
N ARG B 65 1.16 -4.78 5.50
CA ARG B 65 0.59 -3.53 5.02
C ARG B 65 1.71 -2.55 4.69
N GLY B 66 1.44 -1.69 3.70
CA GLY B 66 2.41 -0.67 3.33
C GLY B 66 2.48 -0.34 1.85
N HIS B 67 1.75 -1.05 0.99
CA HIS B 67 1.71 -0.66 -0.41
C HIS B 67 0.91 0.62 -0.64
N LEU B 68 -0.14 0.85 0.14
CA LEU B 68 -1.01 2.03 0.00
C LEU B 68 -1.53 2.21 -1.42
N ALA B 69 -1.60 1.13 -2.20
CA ALA B 69 -2.17 1.16 -3.54
C ALA B 69 -2.55 -0.26 -3.93
N LYS B 70 -3.07 -0.40 -5.13
CA LYS B 70 -3.61 -1.69 -5.56
C LYS B 70 -2.50 -2.70 -5.77
N ILE B 71 -2.69 -3.92 -5.27
CA ILE B 71 -1.70 -4.99 -5.35
C ILE B 71 -2.11 -5.95 -6.44
N TYR B 72 -1.20 -6.21 -7.39
CA TYR B 72 -1.52 -7.15 -8.47
C TYR B 72 -0.78 -8.47 -8.41
N ALA B 73 0.39 -8.53 -7.79
CA ALA B 73 1.13 -9.79 -7.83
C ALA B 73 1.87 -10.01 -6.52
N MET B 74 2.05 -11.28 -6.19
CA MET B 74 2.94 -11.70 -5.14
C MET B 74 3.54 -13.04 -5.52
N HIS B 75 4.69 -13.34 -4.93
CA HIS B 75 5.32 -14.63 -5.13
C HIS B 75 6.10 -15.00 -3.88
N TRP B 76 6.02 -16.26 -3.49
CA TRP B 76 6.74 -16.75 -2.33
C TRP B 76 8.17 -17.10 -2.69
N GLY B 77 9.06 -16.95 -1.71
CA GLY B 77 10.39 -17.49 -1.86
C GLY B 77 10.40 -19.00 -1.70
N THR B 78 11.50 -19.61 -2.11
CA THR B 78 11.64 -21.04 -1.95
C THR B 78 11.93 -21.44 -0.52
N ASP B 79 12.37 -20.49 0.32
CA ASP B 79 12.57 -20.77 1.73
C ASP B 79 11.29 -20.67 2.55
N SER B 80 10.18 -20.31 1.91
CA SER B 80 8.87 -20.22 2.54
C SER B 80 8.82 -19.17 3.63
N ARG B 81 9.67 -18.18 3.57
CA ARG B 81 9.66 -17.11 4.55
C ARG B 81 9.63 -15.72 3.93
N LEU B 82 10.34 -15.51 2.84
CA LEU B 82 10.38 -14.24 2.16
C LEU B 82 9.40 -14.26 0.99
N LEU B 83 8.73 -13.13 0.77
CA LEU B 83 7.84 -13.02 -0.37
C LEU B 83 7.92 -11.63 -0.98
N VAL B 84 7.74 -11.55 -2.29
CA VAL B 84 7.78 -10.28 -3.01
C VAL B 84 6.36 -9.93 -3.42
N SER B 85 6.04 -8.64 -3.37
CA SER B 85 4.72 -8.14 -3.68
C SER B 85 4.82 -6.91 -4.57
N ALA B 86 3.96 -6.83 -5.58
CA ALA B 86 4.00 -5.78 -6.59
C ALA B 86 2.73 -4.95 -6.55
N SER B 87 2.89 -3.63 -6.49
CA SER B 87 1.74 -2.74 -6.38
C SER B 87 1.83 -1.61 -7.40
N GLN B 88 0.69 -0.97 -7.65
CA GLN B 88 0.56 0.12 -8.62
C GLN B 88 1.22 1.41 -8.18
N ASP B 89 1.66 1.53 -6.94
CA ASP B 89 2.41 2.70 -6.55
C ASP B 89 3.87 2.61 -6.94
N GLY B 90 4.18 1.75 -7.90
CA GLY B 90 5.53 1.58 -8.38
C GLY B 90 6.47 0.99 -7.36
N LYS B 91 6.02 0.00 -6.60
CA LYS B 91 6.84 -0.58 -5.55
C LYS B 91 6.78 -2.10 -5.59
N LEU B 92 7.96 -2.70 -5.51
CA LEU B 92 8.14 -4.11 -5.21
C LEU B 92 8.66 -4.22 -3.79
N ILE B 93 7.86 -4.76 -2.88
CA ILE B 93 8.25 -4.89 -1.49
C ILE B 93 8.56 -6.34 -1.19
N ILE B 94 9.71 -6.58 -0.55
CA ILE B 94 10.08 -7.90 -0.11
C ILE B 94 9.83 -7.97 1.40
N TRP B 95 9.02 -8.95 1.81
CA TRP B 95 8.58 -9.09 3.18
C TRP B 95 9.17 -10.34 3.81
N ASP B 96 9.60 -10.19 5.05
CA ASP B 96 9.86 -11.31 5.96
C ASP B 96 8.52 -11.66 6.60
N SER B 97 7.92 -12.76 6.14
CA SER B 97 6.56 -13.08 6.56
C SER B 97 6.49 -13.39 8.06
N TYR B 98 7.53 -14.02 8.60
CA TYR B 98 7.49 -14.42 10.01
C TYR B 98 7.39 -13.21 10.93
N THR B 99 8.18 -12.18 10.67
CA THR B 99 8.27 -11.03 11.55
C THR B 99 7.60 -9.78 10.99
N THR B 100 7.01 -9.86 9.80
CA THR B 100 6.33 -8.75 9.15
C THR B 100 7.29 -7.60 8.80
N ASN B 101 8.59 -7.86 8.83
CA ASN B 101 9.55 -6.82 8.48
C ASN B 101 9.66 -6.67 6.97
N LYS B 102 10.00 -5.46 6.55
CA LYS B 102 10.26 -5.18 5.14
C LYS B 102 11.76 -5.28 4.89
N VAL B 103 12.16 -6.18 4.00
CA VAL B 103 13.58 -6.36 3.69
C VAL B 103 14.03 -5.33 2.69
N HIS B 104 13.33 -5.23 1.55
CA HIS B 104 13.68 -4.28 0.51
C HIS B 104 12.41 -3.61 0.00
N ALA B 105 12.56 -2.39 -0.49
CA ALA B 105 11.49 -1.66 -1.16
C ALA B 105 12.08 -1.10 -2.46
N ILE B 106 11.80 -1.77 -3.57
CA ILE B 106 12.36 -1.42 -4.87
C ILE B 106 11.38 -0.46 -5.56
N PRO B 107 11.80 0.76 -5.88
CA PRO B 107 10.94 1.66 -6.67
C PRO B 107 11.08 1.35 -8.15
N LEU B 108 9.96 1.06 -8.79
CA LEU B 108 9.95 0.67 -10.19
C LEU B 108 10.01 1.89 -11.12
N ARG B 109 10.57 1.68 -12.30
CA ARG B 109 10.59 2.74 -13.30
C ARG B 109 9.19 2.97 -13.87
N SER B 110 8.45 1.89 -14.13
CA SER B 110 7.07 1.97 -14.58
C SER B 110 6.17 1.44 -13.49
N SER B 111 5.20 2.24 -13.06
CA SER B 111 4.34 1.88 -11.95
C SER B 111 3.19 0.96 -12.37
N TRP B 112 3.04 0.68 -13.66
CA TRP B 112 1.93 -0.15 -14.14
C TRP B 112 2.31 -1.62 -14.16
N VAL B 113 2.83 -2.12 -13.04
CA VAL B 113 3.27 -3.50 -12.93
C VAL B 113 2.08 -4.40 -12.71
N MET B 114 2.06 -5.56 -13.38
CA MET B 114 0.99 -6.52 -13.21
C MET B 114 1.48 -7.92 -12.91
N THR B 115 2.78 -8.13 -12.79
CA THR B 115 3.30 -9.44 -12.45
C THR B 115 4.63 -9.27 -11.72
N CYS B 116 4.99 -10.29 -10.95
CA CYS B 116 6.28 -10.33 -10.29
C CYS B 116 6.64 -11.77 -10.04
N ALA B 117 7.95 -12.03 -9.93
CA ALA B 117 8.45 -13.36 -9.65
C ALA B 117 9.67 -13.22 -8.77
N TYR B 118 9.97 -14.30 -8.04
CA TYR B 118 11.10 -14.32 -7.13
C TYR B 118 11.94 -15.51 -7.54
N ALA B 119 13.24 -15.29 -7.77
CA ALA B 119 14.07 -16.36 -8.30
C ALA B 119 14.19 -17.50 -7.28
N PRO B 120 14.26 -18.75 -7.74
CA PRO B 120 14.39 -19.86 -6.79
C PRO B 120 15.63 -19.76 -5.91
N SER B 121 16.73 -19.25 -6.47
CA SER B 121 17.93 -19.06 -5.66
C SER B 121 17.75 -17.94 -4.65
N GLY B 122 16.85 -16.99 -4.91
CA GLY B 122 16.64 -15.85 -4.05
C GLY B 122 17.50 -14.65 -4.36
N ASN B 123 18.23 -14.66 -5.47
CA ASN B 123 19.12 -13.56 -5.79
C ASN B 123 18.46 -12.48 -6.65
N TYR B 124 17.44 -12.82 -7.43
CA TYR B 124 16.83 -11.89 -8.36
C TYR B 124 15.34 -11.85 -8.19
N VAL B 125 14.76 -10.71 -8.59
CA VAL B 125 13.32 -10.51 -8.63
C VAL B 125 12.95 -9.91 -9.97
N ALA B 126 11.92 -10.45 -10.60
CA ALA B 126 11.47 -9.95 -11.90
C ALA B 126 10.11 -9.27 -11.74
N CYS B 127 9.88 -8.26 -12.57
CA CYS B 127 8.56 -7.63 -12.61
C CYS B 127 8.32 -7.02 -13.98
N GLY B 128 7.06 -6.97 -14.37
CA GLY B 128 6.70 -6.40 -15.66
C GLY B 128 5.27 -5.92 -15.65
N GLY B 129 4.96 -5.08 -16.63
CA GLY B 129 3.62 -4.52 -16.69
C GLY B 129 3.16 -4.04 -18.05
N LEU B 130 2.56 -2.85 -18.07
CA LEU B 130 2.09 -2.24 -19.31
C LEU B 130 3.23 -1.64 -20.13
N ASP B 131 4.44 -1.58 -19.60
CA ASP B 131 5.59 -1.09 -20.36
C ASP B 131 6.17 -2.13 -21.30
N ASN B 132 5.67 -3.36 -21.26
CA ASN B 132 6.08 -4.48 -22.11
C ASN B 132 7.50 -4.93 -21.84
N ILE B 133 8.11 -4.50 -20.74
CA ILE B 133 9.50 -4.79 -20.41
C ILE B 133 9.54 -5.59 -19.13
N CYS B 134 10.29 -6.69 -19.13
CA CYS B 134 10.49 -7.50 -17.94
C CYS B 134 11.80 -7.10 -17.27
N SER B 135 11.71 -6.42 -16.14
CA SER B 135 12.89 -5.96 -15.43
C SER B 135 13.34 -7.01 -14.42
N ILE B 136 14.64 -7.30 -14.42
CA ILE B 136 15.28 -8.23 -13.50
C ILE B 136 16.16 -7.42 -12.57
N TYR B 137 15.89 -7.52 -11.27
CA TYR B 137 16.60 -6.79 -10.23
C TYR B 137 17.47 -7.75 -9.43
N ASN B 138 18.70 -7.34 -9.18
CA ASN B 138 19.64 -8.13 -8.41
C ASN B 138 19.54 -7.75 -6.93
N LEU B 139 19.29 -8.75 -6.08
CA LEU B 139 19.13 -8.51 -4.65
C LEU B 139 20.43 -8.64 -3.89
N LYS B 140 21.34 -9.50 -4.32
CA LYS B 140 22.59 -9.77 -3.64
C LYS B 140 23.69 -8.97 -4.34
N THR B 141 23.84 -7.70 -3.96
CA THR B 141 24.85 -6.82 -4.53
C THR B 141 25.85 -6.42 -3.45
N ARG B 142 27.07 -6.13 -3.90
CA ARG B 142 28.12 -5.66 -3.01
C ARG B 142 27.97 -4.19 -2.64
N GLU B 143 27.13 -3.44 -3.36
CA GLU B 143 26.92 -2.03 -3.07
C GLU B 143 25.89 -1.78 -1.98
N GLY B 144 25.14 -2.80 -1.57
CA GLY B 144 24.16 -2.64 -0.52
C GLY B 144 22.81 -2.14 -0.96
N ASN B 145 22.59 -1.97 -2.26
CA ASN B 145 21.30 -1.54 -2.78
C ASN B 145 20.82 -2.53 -3.83
N VAL B 146 19.53 -2.49 -4.12
CA VAL B 146 18.94 -3.29 -5.17
C VAL B 146 18.97 -2.50 -6.46
N ARG B 147 19.52 -3.09 -7.52
CA ARG B 147 19.68 -2.41 -8.79
C ARG B 147 19.13 -3.28 -9.91
N VAL B 148 18.74 -2.62 -11.00
CA VAL B 148 18.22 -3.31 -12.18
C VAL B 148 19.38 -3.99 -12.88
N SER B 149 19.36 -5.32 -12.92
CA SER B 149 20.39 -6.07 -13.62
C SER B 149 20.06 -6.27 -15.10
N ARG B 150 18.78 -6.29 -15.47
CA ARG B 150 18.45 -6.48 -16.87
C ARG B 150 17.07 -5.91 -17.16
N GLU B 151 16.82 -5.61 -18.42
CA GLU B 151 15.51 -5.16 -18.89
C GLU B 151 15.22 -5.89 -20.20
N LEU B 152 14.52 -7.01 -20.11
CA LEU B 152 14.19 -7.82 -21.27
C LEU B 152 13.06 -7.16 -22.04
N ALA B 153 13.36 -6.75 -23.28
CA ALA B 153 12.39 -6.13 -24.17
C ALA B 153 12.22 -6.98 -25.42
N GLY B 154 11.09 -6.80 -26.09
CA GLY B 154 10.79 -7.59 -27.27
C GLY B 154 9.34 -7.97 -27.40
N HIS B 155 8.62 -8.02 -26.28
CA HIS B 155 7.18 -8.21 -26.33
C HIS B 155 6.50 -6.94 -26.83
N THR B 156 5.47 -7.10 -27.65
CA THR B 156 4.72 -5.98 -28.17
C THR B 156 3.41 -5.75 -27.42
N GLY B 157 3.20 -6.47 -26.31
CA GLY B 157 2.03 -6.25 -25.48
C GLY B 157 2.42 -6.25 -24.02
N TYR B 158 1.43 -6.00 -23.17
CA TYR B 158 1.67 -5.99 -21.74
C TYR B 158 2.13 -7.36 -21.26
N LEU B 159 2.99 -7.37 -20.25
CA LEU B 159 3.42 -8.61 -19.61
C LEU B 159 2.43 -9.01 -18.54
N SER B 160 1.89 -10.23 -18.64
CA SER B 160 0.90 -10.70 -17.69
C SER B 160 1.46 -11.67 -16.68
N CYS B 161 2.55 -12.37 -16.99
CA CYS B 161 3.15 -13.29 -16.05
C CYS B 161 4.62 -13.49 -16.41
N CYS B 162 5.39 -13.93 -15.42
CA CYS B 162 6.79 -14.26 -15.61
C CYS B 162 7.22 -15.19 -14.49
N ARG B 163 7.99 -16.22 -14.83
CA ARG B 163 8.49 -17.19 -13.87
C ARG B 163 9.94 -17.51 -14.18
N PHE B 164 10.77 -17.60 -13.15
CA PHE B 164 12.16 -17.99 -13.32
C PHE B 164 12.24 -19.51 -13.48
N LEU B 165 13.02 -19.95 -14.46
CA LEU B 165 13.36 -21.37 -14.54
C LEU B 165 14.59 -21.69 -13.70
N ASP B 166 15.65 -20.93 -13.89
CA ASP B 166 16.83 -21.01 -13.05
C ASP B 166 17.36 -19.60 -12.89
N ASP B 167 18.61 -19.48 -12.45
CA ASP B 167 19.17 -18.17 -12.15
C ASP B 167 19.37 -17.35 -13.41
N ASN B 168 19.31 -17.96 -14.61
CA ASN B 168 19.62 -17.23 -15.84
C ASN B 168 18.59 -17.47 -16.94
N GLN B 169 17.44 -18.07 -16.63
CA GLN B 169 16.41 -18.31 -17.63
C GLN B 169 15.05 -17.93 -17.07
N ILE B 170 14.25 -17.24 -17.86
CA ILE B 170 12.93 -16.78 -17.43
C ILE B 170 11.94 -16.94 -18.58
N VAL B 171 10.71 -17.29 -18.23
CA VAL B 171 9.62 -17.42 -19.19
C VAL B 171 8.60 -16.34 -18.91
N THR B 172 8.19 -15.62 -19.95
CA THR B 172 7.24 -14.52 -19.81
C THR B 172 6.06 -14.74 -20.73
N SER B 173 4.88 -14.34 -20.28
CA SER B 173 3.68 -14.34 -21.12
C SER B 173 3.22 -12.90 -21.31
N SER B 174 2.76 -12.57 -22.50
CA SER B 174 2.43 -11.20 -22.84
C SER B 174 1.04 -11.10 -23.42
N GLY B 175 0.62 -9.86 -23.65
CA GLY B 175 -0.61 -9.52 -24.32
C GLY B 175 -0.53 -9.51 -25.83
N ASP B 176 0.60 -9.93 -26.40
CA ASP B 176 0.69 -10.13 -27.84
C ASP B 176 0.45 -11.57 -28.22
N THR B 177 -0.25 -12.33 -27.37
CA THR B 177 -0.64 -13.72 -27.60
C THR B 177 0.56 -14.66 -27.70
N THR B 178 1.70 -14.28 -27.17
CA THR B 178 2.91 -15.09 -27.26
C THR B 178 3.55 -15.25 -25.90
N CYS B 179 4.31 -16.33 -25.75
CA CYS B 179 5.20 -16.52 -24.62
C CYS B 179 6.64 -16.49 -25.11
N ALA B 180 7.56 -16.14 -24.22
CA ALA B 180 8.96 -16.02 -24.61
C ALA B 180 9.85 -16.58 -23.52
N LEU B 181 10.79 -17.44 -23.93
CA LEU B 181 11.85 -17.93 -23.05
C LEU B 181 13.11 -17.15 -23.35
N TRP B 182 13.65 -16.47 -22.33
CA TRP B 182 14.74 -15.53 -22.48
C TRP B 182 16.03 -16.10 -21.91
N ASP B 183 17.14 -15.46 -22.27
CA ASP B 183 18.43 -15.64 -21.63
C ASP B 183 18.78 -14.31 -20.98
N ILE B 184 18.84 -14.30 -19.65
CA ILE B 184 18.95 -13.03 -18.93
C ILE B 184 20.30 -12.38 -19.19
N GLU B 185 21.36 -13.18 -19.31
CA GLU B 185 22.69 -12.63 -19.54
C GLU B 185 22.76 -11.88 -20.86
N THR B 186 22.37 -12.55 -21.95
CA THR B 186 22.38 -11.91 -23.26
C THR B 186 21.21 -10.96 -23.44
N GLY B 187 20.07 -11.26 -22.84
CA GLY B 187 18.90 -10.41 -22.97
C GLY B 187 18.06 -10.64 -24.20
N GLN B 188 18.17 -11.82 -24.81
CA GLN B 188 17.48 -12.12 -26.05
C GLN B 188 16.54 -13.30 -25.88
N GLN B 189 15.45 -13.29 -26.63
CA GLN B 189 14.48 -14.38 -26.62
C GLN B 189 15.12 -15.61 -27.25
N THR B 190 15.53 -16.56 -26.42
CA THR B 190 16.04 -17.82 -26.97
C THR B 190 14.94 -18.59 -27.67
N THR B 191 13.72 -18.57 -27.11
CA THR B 191 12.62 -19.32 -27.70
C THR B 191 11.36 -18.47 -27.66
N THR B 192 10.51 -18.65 -28.68
CA THR B 192 9.22 -17.99 -28.74
C THR B 192 8.13 -19.03 -28.93
N PHE B 193 7.09 -18.95 -28.11
CA PHE B 193 5.95 -19.85 -28.15
C PHE B 193 4.76 -19.09 -28.70
N THR B 194 4.24 -19.54 -29.84
CA THR B 194 3.11 -18.92 -30.49
C THR B 194 2.03 -19.96 -30.74
N GLY B 195 0.80 -19.49 -30.87
CA GLY B 195 -0.31 -20.39 -31.09
C GLY B 195 -1.59 -19.95 -30.40
N HIS B 196 -1.46 -19.18 -29.33
CA HIS B 196 -2.64 -18.63 -28.69
C HIS B 196 -3.30 -17.58 -29.59
N THR B 197 -4.63 -17.53 -29.54
CA THR B 197 -5.36 -16.54 -30.30
C THR B 197 -5.57 -15.25 -29.51
N GLY B 198 -5.93 -15.35 -28.24
CA GLY B 198 -6.12 -14.19 -27.39
C GLY B 198 -4.92 -13.94 -26.48
N ASP B 199 -5.09 -12.95 -25.62
CA ASP B 199 -4.02 -12.55 -24.71
C ASP B 199 -3.69 -13.69 -23.75
N VAL B 200 -2.41 -13.97 -23.57
CA VAL B 200 -1.96 -14.96 -22.60
C VAL B 200 -1.90 -14.28 -21.24
N MET B 201 -2.68 -14.79 -20.29
CA MET B 201 -2.85 -14.10 -19.02
C MET B 201 -2.06 -14.68 -17.87
N SER B 202 -1.61 -15.94 -17.98
CA SER B 202 -0.86 -16.55 -16.90
C SER B 202 -0.07 -17.72 -17.46
N LEU B 203 0.91 -18.16 -16.68
CA LEU B 203 1.65 -19.38 -16.99
C LEU B 203 2.08 -20.04 -15.69
N SER B 204 2.33 -21.34 -15.77
CA SER B 204 2.74 -22.13 -14.61
C SER B 204 3.82 -23.10 -15.05
N LEU B 205 4.91 -23.15 -14.28
CA LEU B 205 6.00 -24.07 -14.60
C LEU B 205 5.77 -25.42 -13.93
N ALA B 206 6.02 -26.48 -14.67
CA ALA B 206 5.93 -27.82 -14.11
C ALA B 206 7.03 -28.02 -13.06
N PRO B 207 6.80 -28.90 -12.09
CA PRO B 207 7.84 -29.14 -11.07
C PRO B 207 9.17 -29.59 -11.65
N ASP B 208 9.15 -30.41 -12.70
CA ASP B 208 10.38 -30.83 -13.34
C ASP B 208 10.98 -29.77 -14.24
N THR B 209 10.28 -28.65 -14.46
CA THR B 209 10.76 -27.47 -15.15
C THR B 209 10.92 -27.70 -16.66
N ARG B 210 10.68 -28.93 -17.13
CA ARG B 210 10.81 -29.24 -18.55
C ARG B 210 9.64 -28.74 -19.38
N LEU B 211 8.46 -28.62 -18.76
CA LEU B 211 7.24 -28.21 -19.43
C LEU B 211 6.64 -27.02 -18.71
N PHE B 212 5.79 -26.27 -19.40
CA PHE B 212 4.95 -25.30 -18.70
C PHE B 212 3.61 -25.22 -19.41
N VAL B 213 2.67 -24.52 -18.78
CA VAL B 213 1.30 -24.43 -19.28
C VAL B 213 0.86 -22.97 -19.20
N SER B 214 0.12 -22.52 -20.21
CA SER B 214 -0.32 -21.15 -20.29
C SER B 214 -1.80 -21.09 -20.62
N GLY B 215 -2.49 -20.14 -20.02
CA GLY B 215 -3.91 -19.93 -20.26
C GLY B 215 -4.12 -18.57 -20.90
N ALA B 216 -5.02 -18.51 -21.87
CA ALA B 216 -5.17 -17.27 -22.62
C ALA B 216 -6.64 -16.85 -22.69
N CYS B 217 -6.85 -15.62 -23.16
CA CYS B 217 -8.18 -15.06 -23.31
C CYS B 217 -9.01 -15.75 -24.39
N ASP B 218 -8.40 -16.59 -25.21
CA ASP B 218 -9.18 -17.35 -26.17
C ASP B 218 -9.86 -18.55 -25.55
N ALA B 219 -9.94 -18.56 -24.21
CA ALA B 219 -10.60 -19.61 -23.43
C ALA B 219 -9.93 -20.96 -23.61
N SER B 220 -8.61 -20.98 -23.81
CA SER B 220 -7.88 -22.22 -23.97
C SER B 220 -6.57 -22.17 -23.20
N ALA B 221 -6.10 -23.36 -22.82
CA ALA B 221 -4.79 -23.54 -22.21
C ALA B 221 -3.93 -24.39 -23.14
N LYS B 222 -2.63 -24.18 -23.08
CA LYS B 222 -1.69 -24.88 -23.95
C LYS B 222 -0.51 -25.35 -23.14
N LEU B 223 -0.04 -26.56 -23.45
CA LEU B 223 1.14 -27.15 -22.84
C LEU B 223 2.33 -26.95 -23.77
N TRP B 224 3.38 -26.30 -23.28
CA TRP B 224 4.56 -25.99 -24.06
C TRP B 224 5.75 -26.76 -23.52
N ASP B 225 6.54 -27.30 -24.44
CA ASP B 225 7.83 -27.90 -24.15
C ASP B 225 8.88 -26.80 -24.25
N VAL B 226 9.62 -26.58 -23.15
CA VAL B 226 10.53 -25.43 -23.09
C VAL B 226 11.65 -25.60 -24.11
N ARG B 227 12.23 -26.79 -24.21
CA ARG B 227 13.34 -27.00 -25.12
C ARG B 227 12.90 -26.99 -26.57
N GLU B 228 11.82 -27.72 -26.88
CA GLU B 228 11.36 -27.81 -28.26
C GLU B 228 10.72 -26.52 -28.76
N GLY B 229 10.16 -25.72 -27.87
CA GLY B 229 9.51 -24.49 -28.27
C GLY B 229 8.27 -24.69 -29.10
N MET B 230 7.49 -25.73 -28.81
CA MET B 230 6.27 -26.02 -29.56
C MET B 230 5.21 -26.53 -28.59
N CYS B 231 3.95 -26.41 -29.02
CA CYS B 231 2.82 -26.76 -28.17
C CYS B 231 2.58 -28.26 -28.21
N ARG B 232 2.53 -28.88 -27.02
CA ARG B 232 2.29 -30.32 -26.94
C ARG B 232 0.80 -30.64 -27.01
N GLN B 233 0.01 -30.02 -26.14
CA GLN B 233 -1.42 -30.30 -26.06
C GLN B 233 -2.18 -29.00 -25.89
N THR B 234 -3.45 -29.02 -26.28
CA THR B 234 -4.34 -27.87 -26.11
C THR B 234 -5.59 -28.33 -25.38
N PHE B 235 -5.97 -27.61 -24.34
CA PHE B 235 -7.12 -27.93 -23.50
C PHE B 235 -8.14 -26.83 -23.57
N THR B 236 -9.40 -27.20 -23.73
CA THR B 236 -10.51 -26.27 -23.83
C THR B 236 -11.61 -26.70 -22.87
N GLY B 237 -12.65 -25.86 -22.78
CA GLY B 237 -13.78 -26.17 -21.93
C GLY B 237 -14.34 -24.95 -21.23
N HIS B 238 -13.50 -23.95 -21.01
CA HIS B 238 -13.97 -22.71 -20.41
C HIS B 238 -14.74 -21.88 -21.44
N GLU B 239 -15.79 -21.21 -20.99
CA GLU B 239 -16.58 -20.35 -21.86
C GLU B 239 -16.08 -18.91 -21.88
N SER B 240 -15.05 -18.57 -21.13
CA SER B 240 -14.57 -17.20 -21.08
C SER B 240 -13.07 -17.21 -20.85
N ASP B 241 -12.51 -16.03 -20.54
CA ASP B 241 -11.08 -15.86 -20.42
C ASP B 241 -10.53 -16.64 -19.23
N ILE B 242 -9.32 -17.17 -19.40
CA ILE B 242 -8.61 -17.89 -18.34
C ILE B 242 -7.65 -16.91 -17.68
N ASN B 243 -7.92 -16.56 -16.43
CA ASN B 243 -7.13 -15.54 -15.74
C ASN B 243 -5.99 -16.13 -14.92
N ALA B 244 -6.03 -17.41 -14.58
CA ALA B 244 -5.01 -18.01 -13.74
C ALA B 244 -4.89 -19.49 -14.04
N ILE B 245 -3.71 -20.04 -13.72
CA ILE B 245 -3.40 -21.43 -14.00
C ILE B 245 -2.33 -21.88 -13.02
N CYS B 246 -2.34 -23.17 -12.68
CA CYS B 246 -1.40 -23.69 -11.71
C CYS B 246 -1.30 -25.20 -11.88
N PHE B 247 -0.07 -25.72 -11.80
CA PHE B 247 0.16 -27.15 -11.87
C PHE B 247 -0.22 -27.86 -10.57
N PHE B 248 -0.76 -29.06 -10.71
CA PHE B 248 -0.87 -29.97 -9.59
C PHE B 248 0.53 -30.36 -9.12
N PRO B 249 0.73 -30.56 -7.82
CA PRO B 249 2.09 -30.88 -7.33
C PRO B 249 2.70 -32.10 -7.99
N ASN B 250 1.87 -33.07 -8.38
CA ASN B 250 2.37 -34.25 -9.07
C ASN B 250 3.03 -33.88 -10.39
N GLY B 251 2.54 -32.83 -11.04
CA GLY B 251 3.01 -32.44 -12.35
C GLY B 251 2.26 -33.05 -13.51
N ASN B 252 1.29 -33.93 -13.24
CA ASN B 252 0.51 -34.58 -14.28
C ASN B 252 -0.87 -33.94 -14.45
N ALA B 253 -1.12 -32.80 -13.82
CA ALA B 253 -2.40 -32.14 -13.94
C ALA B 253 -2.23 -30.67 -13.62
N PHE B 254 -3.20 -29.87 -14.03
CA PHE B 254 -3.19 -28.45 -13.71
C PHE B 254 -4.62 -27.93 -13.63
N ALA B 255 -4.79 -26.88 -12.83
CA ALA B 255 -6.08 -26.25 -12.63
C ALA B 255 -6.10 -24.88 -13.27
N THR B 256 -7.20 -24.56 -13.94
CA THR B 256 -7.40 -23.29 -14.60
C THR B 256 -8.53 -22.53 -13.92
N GLY B 257 -8.29 -21.26 -13.62
CA GLY B 257 -9.32 -20.40 -13.10
C GLY B 257 -9.75 -19.40 -14.16
N SER B 258 -11.03 -19.41 -14.51
CA SER B 258 -11.53 -18.63 -15.62
C SER B 258 -12.45 -17.52 -15.15
N ASP B 259 -12.88 -16.70 -16.10
CA ASP B 259 -13.76 -15.59 -15.81
C ASP B 259 -15.22 -16.01 -15.87
N ASP B 260 -15.50 -17.25 -16.26
CA ASP B 260 -16.85 -17.79 -16.26
C ASP B 260 -17.28 -18.32 -14.90
N ALA B 261 -16.59 -17.94 -13.83
CA ALA B 261 -16.92 -18.31 -12.46
C ALA B 261 -16.77 -19.82 -12.22
N THR B 262 -15.87 -20.47 -12.94
CA THR B 262 -15.59 -21.89 -12.71
C THR B 262 -14.09 -22.10 -12.68
N CYS B 263 -13.68 -23.15 -11.96
CA CYS B 263 -12.32 -23.67 -12.04
C CYS B 263 -12.39 -25.05 -12.67
N ARG B 264 -11.35 -25.44 -13.37
CA ARG B 264 -11.33 -26.74 -14.03
C ARG B 264 -10.01 -27.44 -13.80
N LEU B 265 -10.06 -28.77 -13.75
CA LEU B 265 -8.88 -29.59 -13.58
C LEU B 265 -8.64 -30.40 -14.85
N PHE B 266 -7.47 -30.24 -15.46
CA PHE B 266 -7.10 -30.94 -16.67
C PHE B 266 -5.93 -31.87 -16.38
N ASP B 267 -5.98 -33.07 -16.95
CA ASP B 267 -4.90 -34.04 -16.80
C ASP B 267 -4.10 -34.10 -18.09
N LEU B 268 -2.78 -33.99 -17.98
CA LEU B 268 -1.91 -33.97 -19.14
C LEU B 268 -2.01 -35.27 -19.93
N ARG B 269 -1.91 -36.41 -19.23
CA ARG B 269 -1.89 -37.70 -19.91
C ARG B 269 -3.26 -38.06 -20.48
N ALA B 270 -4.32 -37.87 -19.70
CA ALA B 270 -5.66 -38.16 -20.19
C ALA B 270 -6.11 -37.18 -21.26
N ASP B 271 -5.53 -35.98 -21.29
CA ASP B 271 -5.83 -34.96 -22.30
C ASP B 271 -7.32 -34.62 -22.30
N GLN B 272 -7.81 -34.24 -21.12
CA GLN B 272 -9.24 -34.01 -20.97
C GLN B 272 -9.48 -33.32 -19.63
N GLU B 273 -10.59 -32.58 -19.57
CA GLU B 273 -11.07 -32.02 -18.31
C GLU B 273 -11.45 -33.14 -17.36
N LEU B 274 -11.08 -33.00 -16.08
CA LEU B 274 -11.40 -34.00 -15.08
C LEU B 274 -12.55 -33.58 -14.18
N MET B 275 -12.57 -32.33 -13.73
CA MET B 275 -13.53 -31.90 -12.73
C MET B 275 -13.71 -30.39 -12.83
N THR B 276 -14.91 -29.94 -12.48
CA THR B 276 -15.27 -28.53 -12.49
C THR B 276 -15.65 -28.11 -11.08
N TYR B 277 -15.13 -26.97 -10.65
CA TYR B 277 -15.36 -26.39 -9.34
C TYR B 277 -16.16 -25.12 -9.56
N SER B 278 -17.47 -25.22 -9.34
CA SER B 278 -18.39 -24.11 -9.54
C SER B 278 -19.55 -24.24 -8.57
N HIS B 279 -20.15 -23.09 -8.23
CA HIS B 279 -21.31 -23.05 -7.37
C HIS B 279 -22.27 -21.98 -7.88
N ASP B 280 -23.56 -22.24 -7.74
CA ASP B 280 -24.56 -21.30 -8.23
C ASP B 280 -24.45 -19.94 -7.53
N ASN B 281 -24.08 -19.95 -6.25
CA ASN B 281 -23.94 -18.72 -5.49
C ASN B 281 -22.77 -17.88 -5.99
N ILE B 282 -21.82 -18.48 -6.68
CA ILE B 282 -20.64 -17.78 -7.19
C ILE B 282 -20.87 -17.43 -8.65
N ILE B 283 -20.78 -16.15 -8.99
CA ILE B 283 -20.96 -15.69 -10.36
C ILE B 283 -19.83 -14.80 -10.84
N CYS B 284 -18.88 -14.44 -9.98
CA CYS B 284 -17.75 -13.62 -10.38
C CYS B 284 -16.60 -14.50 -10.88
N GLY B 285 -15.66 -13.87 -11.56
CA GLY B 285 -14.54 -14.59 -12.14
C GLY B 285 -13.43 -14.89 -11.14
N ILE B 286 -12.66 -15.92 -11.44
CA ILE B 286 -11.51 -16.31 -10.63
C ILE B 286 -10.31 -15.50 -11.09
N THR B 287 -9.57 -14.94 -10.13
CA THR B 287 -8.37 -14.16 -10.43
C THR B 287 -7.08 -14.92 -10.18
N SER B 288 -7.10 -15.96 -9.36
CA SER B 288 -5.88 -16.68 -9.01
C SER B 288 -6.25 -18.04 -8.43
N VAL B 289 -5.44 -19.05 -8.75
CA VAL B 289 -5.62 -20.39 -8.21
C VAL B 289 -4.27 -20.90 -7.70
N SER B 290 -4.34 -21.84 -6.77
CA SER B 290 -3.14 -22.43 -6.19
C SER B 290 -3.53 -23.70 -5.44
N PHE B 291 -2.70 -24.74 -5.59
CA PHE B 291 -2.91 -25.99 -4.89
C PHE B 291 -2.22 -25.95 -3.53
N SER B 292 -2.59 -26.90 -2.68
CA SER B 292 -1.87 -27.12 -1.43
C SER B 292 -0.75 -28.13 -1.67
N LYS B 293 0.09 -28.33 -0.65
CA LYS B 293 1.26 -29.17 -0.82
C LYS B 293 0.86 -30.60 -1.19
N SER B 294 -0.17 -31.13 -0.54
CA SER B 294 -0.66 -32.45 -0.90
C SER B 294 -1.45 -32.45 -2.20
N GLY B 295 -1.92 -31.29 -2.63
CA GLY B 295 -2.80 -31.21 -3.78
C GLY B 295 -4.25 -31.49 -3.49
N ARG B 296 -4.60 -31.70 -2.22
CA ARG B 296 -5.99 -31.99 -1.86
C ARG B 296 -6.85 -30.73 -1.85
N LEU B 297 -6.28 -29.59 -1.50
CA LEU B 297 -7.01 -28.34 -1.45
C LEU B 297 -6.64 -27.48 -2.64
N LEU B 298 -7.66 -26.95 -3.33
CA LEU B 298 -7.48 -26.01 -4.43
C LEU B 298 -8.01 -24.67 -3.95
N LEU B 299 -7.12 -23.71 -3.77
CA LEU B 299 -7.52 -22.38 -3.33
C LEU B 299 -7.70 -21.47 -4.53
N ALA B 300 -8.80 -20.73 -4.55
CA ALA B 300 -9.10 -19.85 -5.68
C ALA B 300 -9.58 -18.50 -5.18
N GLY B 301 -8.92 -17.44 -5.61
CA GLY B 301 -9.37 -16.10 -5.28
C GLY B 301 -10.38 -15.58 -6.28
N TYR B 302 -11.36 -14.83 -5.77
CA TYR B 302 -12.50 -14.42 -6.56
C TYR B 302 -12.63 -12.91 -6.54
N ASP B 303 -13.46 -12.40 -7.44
CA ASP B 303 -13.81 -10.98 -7.46
C ASP B 303 -14.78 -10.60 -6.36
N ASP B 304 -15.47 -11.56 -5.75
CA ASP B 304 -16.42 -11.29 -4.67
C ASP B 304 -15.75 -11.04 -3.34
N PHE B 305 -14.44 -10.79 -3.36
CA PHE B 305 -13.60 -10.38 -2.23
C PHE B 305 -13.19 -11.54 -1.36
N ASN B 306 -13.52 -12.78 -1.74
CA ASN B 306 -13.26 -13.94 -0.91
C ASN B 306 -12.39 -14.93 -1.66
N CYS B 307 -11.83 -15.88 -0.91
CA CYS B 307 -10.99 -16.94 -1.48
C CYS B 307 -11.60 -18.28 -1.08
N ASN B 308 -12.10 -19.04 -2.04
CA ASN B 308 -12.73 -20.31 -1.73
C ASN B 308 -11.72 -21.44 -1.76
N VAL B 309 -11.78 -22.30 -0.75
CA VAL B 309 -10.95 -23.49 -0.66
C VAL B 309 -11.80 -24.69 -1.03
N TRP B 310 -11.43 -25.35 -2.12
CA TRP B 310 -12.20 -26.44 -2.70
C TRP B 310 -11.52 -27.77 -2.42
N ASP B 311 -12.32 -28.78 -2.13
CA ASP B 311 -11.85 -30.16 -2.10
C ASP B 311 -11.51 -30.57 -3.53
N ALA B 312 -10.22 -30.65 -3.84
CA ALA B 312 -9.81 -30.88 -5.23
C ALA B 312 -10.28 -32.22 -5.77
N LEU B 313 -10.53 -33.20 -4.91
CA LEU B 313 -10.97 -34.51 -5.36
C LEU B 313 -12.48 -34.70 -5.31
N LYS B 314 -13.20 -33.87 -4.56
CA LYS B 314 -14.64 -33.98 -4.43
C LYS B 314 -15.41 -32.86 -5.09
N ALA B 315 -14.75 -31.75 -5.43
CA ALA B 315 -15.33 -30.53 -5.98
C ALA B 315 -16.22 -29.80 -4.99
N ASP B 316 -16.40 -30.31 -3.78
CA ASP B 316 -17.22 -29.63 -2.79
C ASP B 316 -16.41 -28.53 -2.13
N ARG B 317 -17.00 -27.36 -1.99
CA ARG B 317 -16.32 -26.28 -1.27
C ARG B 317 -16.08 -26.68 0.16
N ALA B 318 -14.84 -26.48 0.62
CA ALA B 318 -14.45 -26.88 1.96
C ALA B 318 -14.17 -25.72 2.89
N GLY B 319 -13.91 -24.53 2.38
CA GLY B 319 -13.64 -23.42 3.27
C GLY B 319 -13.74 -22.10 2.55
N VAL B 320 -13.77 -21.03 3.35
CA VAL B 320 -13.84 -19.66 2.84
C VAL B 320 -12.82 -18.82 3.58
N LEU B 321 -12.00 -18.08 2.84
CA LEU B 321 -11.07 -17.12 3.39
C LEU B 321 -11.63 -15.73 3.08
N ALA B 322 -12.23 -15.13 4.08
CA ALA B 322 -12.81 -13.79 3.98
C ALA B 322 -12.05 -12.84 4.89
N GLY B 323 -12.03 -11.56 4.52
CA GLY B 323 -11.28 -10.58 5.27
C GLY B 323 -10.69 -9.48 4.41
N HIS B 324 -10.79 -9.64 3.09
CA HIS B 324 -10.36 -8.61 2.16
C HIS B 324 -11.57 -7.79 1.72
N ASP B 325 -11.40 -6.47 1.71
CA ASP B 325 -12.46 -5.54 1.35
C ASP B 325 -12.54 -5.26 -0.14
N ASN B 326 -11.67 -5.87 -0.94
CA ASN B 326 -11.68 -5.66 -2.38
C ASN B 326 -11.28 -6.97 -3.06
N ARG B 327 -11.11 -6.89 -4.37
CA ARG B 327 -10.86 -8.10 -5.17
C ARG B 327 -9.54 -8.76 -4.77
N VAL B 328 -9.58 -10.08 -4.61
CA VAL B 328 -8.38 -10.86 -4.32
C VAL B 328 -7.64 -11.08 -5.63
N SER B 329 -6.52 -10.38 -5.80
CA SER B 329 -5.84 -10.37 -7.10
C SER B 329 -4.78 -11.45 -7.21
N CYS B 330 -4.26 -11.95 -6.09
CA CYS B 330 -3.17 -12.91 -6.14
C CYS B 330 -3.17 -13.73 -4.85
N LEU B 331 -2.70 -14.97 -4.97
CA LEU B 331 -2.53 -15.81 -3.79
C LEU B 331 -1.54 -16.92 -4.10
N GLY B 332 -0.79 -17.31 -3.08
CA GLY B 332 0.24 -18.32 -3.25
C GLY B 332 0.43 -19.14 -1.98
N VAL B 333 0.85 -20.39 -2.18
CA VAL B 333 1.09 -21.32 -1.08
C VAL B 333 2.58 -21.59 -1.01
N THR B 334 3.11 -21.61 0.21
CA THR B 334 4.54 -21.82 0.41
C THR B 334 4.96 -23.20 -0.08
N ASP B 335 6.26 -23.33 -0.34
CA ASP B 335 6.79 -24.61 -0.82
C ASP B 335 6.62 -25.70 0.22
N ASP B 336 6.79 -25.37 1.50
CA ASP B 336 6.56 -26.36 2.54
C ASP B 336 5.08 -26.53 2.87
N GLY B 337 4.20 -25.70 2.30
CA GLY B 337 2.78 -25.82 2.50
C GLY B 337 2.27 -25.28 3.81
N MET B 338 3.08 -24.47 4.52
CA MET B 338 2.71 -24.07 5.87
C MET B 338 1.64 -22.98 5.87
N ALA B 339 1.66 -22.07 4.90
CA ALA B 339 0.77 -20.92 4.93
C ALA B 339 0.31 -20.58 3.52
N VAL B 340 -0.73 -19.73 3.45
CA VAL B 340 -1.25 -19.19 2.20
C VAL B 340 -1.26 -17.68 2.32
N ALA B 341 -0.65 -17.00 1.36
CA ALA B 341 -0.67 -15.54 1.34
C ALA B 341 -1.56 -15.06 0.22
N THR B 342 -2.48 -14.15 0.54
CA THR B 342 -3.39 -13.56 -0.43
C THR B 342 -3.21 -12.06 -0.43
N GLY B 343 -2.96 -11.49 -1.61
CA GLY B 343 -2.97 -10.06 -1.80
C GLY B 343 -4.28 -9.64 -2.44
N SER B 344 -4.56 -8.34 -2.40
CA SER B 344 -5.84 -7.88 -2.87
C SER B 344 -5.76 -6.39 -3.21
N TRP B 345 -6.82 -5.89 -3.83
CA TRP B 345 -6.89 -4.51 -4.28
C TRP B 345 -7.05 -3.52 -3.12
N ASP B 346 -7.28 -4.00 -1.90
CA ASP B 346 -7.36 -3.12 -0.74
C ASP B 346 -5.99 -2.82 -0.14
N SER B 347 -4.91 -3.19 -0.82
CA SER B 347 -3.54 -2.81 -0.47
C SER B 347 -3.01 -3.53 0.77
N PHE B 348 -3.46 -4.76 1.01
CA PHE B 348 -2.96 -5.56 2.11
C PHE B 348 -2.70 -6.98 1.64
N LEU B 349 -1.72 -7.63 2.25
CA LEU B 349 -1.54 -9.06 2.12
C LEU B 349 -1.90 -9.72 3.44
N LYS B 350 -2.53 -10.88 3.37
CA LYS B 350 -2.91 -11.63 4.56
C LYS B 350 -2.33 -13.03 4.47
N ILE B 351 -1.81 -13.52 5.59
CA ILE B 351 -1.23 -14.85 5.67
C ILE B 351 -2.16 -15.70 6.52
N TRP B 352 -2.61 -16.82 5.95
CA TRP B 352 -3.59 -17.70 6.55
C TRP B 352 -2.95 -19.04 6.81
N ASN B 353 -3.34 -19.67 7.92
CA ASN B 353 -2.75 -20.94 8.32
C ASN B 353 -3.77 -21.78 9.07
N ILE C 9 -2.84 -20.39 -47.86
CA ILE C 9 -2.22 -19.71 -46.73
C ILE C 9 -1.32 -20.68 -45.97
N ALA C 10 -0.15 -20.20 -45.56
CA ALA C 10 0.79 -21.06 -44.83
C ALA C 10 0.33 -21.30 -43.40
N GLN C 11 -0.43 -20.36 -42.83
CA GLN C 11 -0.87 -20.49 -41.45
C GLN C 11 -1.77 -21.70 -41.26
N ALA C 12 -2.66 -21.95 -42.23
CA ALA C 12 -3.51 -23.14 -42.17
C ALA C 12 -2.67 -24.41 -42.20
N ARG C 13 -1.64 -24.44 -43.05
CA ARG C 13 -0.77 -25.62 -43.09
C ARG C 13 -0.05 -25.81 -41.77
N LYS C 14 0.42 -24.71 -41.16
CA LYS C 14 1.10 -24.81 -39.87
C LYS C 14 0.17 -25.34 -38.80
N LEU C 15 -1.07 -24.86 -38.76
CA LEU C 15 -1.99 -25.34 -37.72
C LEU C 15 -2.40 -26.78 -37.98
N VAL C 16 -2.52 -27.18 -39.25
CA VAL C 16 -2.84 -28.57 -39.55
C VAL C 16 -1.69 -29.48 -39.12
N GLU C 17 -0.44 -29.07 -39.35
CA GLU C 17 0.69 -29.84 -38.85
C GLU C 17 0.70 -29.88 -37.32
N GLN C 18 0.35 -28.76 -36.69
CA GLN C 18 0.25 -28.73 -35.23
C GLN C 18 -0.76 -29.76 -34.73
N LEU C 19 -1.92 -29.83 -35.36
CA LEU C 19 -2.90 -30.85 -35.00
C LEU C 19 -2.40 -32.26 -35.33
N LYS C 20 -1.57 -32.40 -36.37
CA LYS C 20 -0.97 -33.70 -36.66
C LYS C 20 -0.12 -34.18 -35.50
N MET C 21 0.78 -33.32 -35.00
CA MET C 21 1.59 -33.71 -33.84
C MET C 21 0.74 -33.87 -32.60
N GLU C 22 -0.32 -33.06 -32.45
CA GLU C 22 -1.16 -33.14 -31.25
C GLU C 22 -1.93 -34.46 -31.20
N ALA C 23 -2.39 -34.93 -32.34
CA ALA C 23 -3.23 -36.13 -32.36
C ALA C 23 -2.41 -37.39 -32.12
N ASN C 24 -1.12 -37.36 -32.45
CA ASN C 24 -0.26 -38.54 -32.37
C ASN C 24 0.42 -38.59 -31.00
N ILE C 25 -0.39 -38.77 -29.96
CA ILE C 25 0.10 -38.94 -28.60
C ILE C 25 -0.73 -40.03 -27.93
N ASP C 26 -0.08 -40.82 -27.08
CA ASP C 26 -0.77 -41.85 -26.32
C ASP C 26 -1.60 -41.21 -25.21
N ARG C 27 -2.68 -41.90 -24.83
CA ARG C 27 -3.60 -41.39 -23.82
C ARG C 27 -4.01 -42.54 -22.92
N ILE C 28 -3.65 -42.45 -21.64
CA ILE C 28 -4.06 -43.43 -20.64
C ILE C 28 -5.52 -43.18 -20.30
N LYS C 29 -6.20 -44.20 -19.77
CA LYS C 29 -7.60 -44.05 -19.42
C LYS C 29 -7.79 -43.00 -18.34
N VAL C 30 -8.91 -42.27 -18.42
CA VAL C 30 -9.16 -41.21 -17.45
C VAL C 30 -9.35 -41.78 -16.05
N SER C 31 -9.84 -43.02 -15.94
CA SER C 31 -9.92 -43.66 -14.63
C SER C 31 -8.54 -43.86 -14.04
N LYS C 32 -7.56 -44.21 -14.87
CA LYS C 32 -6.19 -44.34 -14.40
C LYS C 32 -5.66 -43.00 -13.89
N ALA C 33 -5.96 -41.92 -14.60
CA ALA C 33 -5.51 -40.60 -14.15
C ALA C 33 -6.16 -40.22 -12.82
N ALA C 34 -7.46 -40.51 -12.68
CA ALA C 34 -8.13 -40.24 -11.41
C ALA C 34 -7.52 -41.05 -10.27
N ALA C 35 -7.21 -42.32 -10.54
CA ALA C 35 -6.58 -43.16 -9.52
C ALA C 35 -5.21 -42.62 -9.14
N ASP C 36 -4.45 -42.15 -10.13
CA ASP C 36 -3.13 -41.58 -9.83
C ASP C 36 -3.25 -40.32 -9.00
N LEU C 37 -4.23 -39.46 -9.30
CA LEU C 37 -4.42 -38.25 -8.51
C LEU C 37 -4.80 -38.61 -7.06
N MET C 38 -5.70 -39.57 -6.90
CA MET C 38 -6.06 -40.01 -5.55
C MET C 38 -4.87 -40.60 -4.82
N ALA C 39 -4.05 -41.38 -5.52
CA ALA C 39 -2.89 -41.99 -4.88
C ALA C 39 -1.89 -40.95 -4.42
N TYR C 40 -1.64 -39.93 -5.25
CA TYR C 40 -0.74 -38.86 -4.83
C TYR C 40 -1.32 -38.09 -3.64
N CYS C 41 -2.63 -37.82 -3.67
CA CYS C 41 -3.24 -37.08 -2.57
C CYS C 41 -3.17 -37.86 -1.26
N GLU C 42 -3.37 -39.18 -1.33
CA GLU C 42 -3.33 -40.00 -0.13
C GLU C 42 -1.90 -40.17 0.39
N ALA C 43 -0.94 -40.33 -0.52
CA ALA C 43 0.44 -40.57 -0.10
C ALA C 43 1.01 -39.40 0.68
N HIS C 44 0.72 -38.17 0.25
CA HIS C 44 1.30 -36.97 0.85
C HIS C 44 0.33 -36.27 1.79
N ALA C 45 -0.72 -36.95 2.23
CA ALA C 45 -1.73 -36.32 3.07
C ALA C 45 -1.15 -35.88 4.41
N LYS C 46 -0.27 -36.69 4.99
CA LYS C 46 0.25 -36.38 6.32
C LYS C 46 1.17 -35.16 6.28
N GLU C 47 1.73 -34.85 5.12
CA GLU C 47 2.70 -33.76 5.01
C GLU C 47 2.06 -32.42 4.69
N ASP C 48 0.73 -32.35 4.60
CA ASP C 48 0.07 -31.09 4.28
C ASP C 48 -0.35 -30.39 5.55
N PRO C 49 0.26 -29.25 5.91
CA PRO C 49 -0.18 -28.56 7.13
C PRO C 49 -1.54 -27.91 7.00
N LEU C 50 -1.95 -27.55 5.78
CA LEU C 50 -3.25 -26.92 5.60
C LEU C 50 -4.38 -27.93 5.74
N LEU C 51 -4.19 -29.13 5.19
CA LEU C 51 -5.20 -30.17 5.33
C LEU C 51 -5.38 -30.56 6.80
N THR C 52 -4.28 -30.89 7.47
CA THR C 52 -4.31 -31.26 8.88
C THR C 52 -3.60 -30.17 9.68
N PRO C 53 -4.31 -29.35 10.43
CA PRO C 53 -3.65 -28.26 11.17
C PRO C 53 -2.62 -28.81 12.14
N VAL C 54 -1.49 -28.09 12.24
CA VAL C 54 -0.37 -28.52 13.07
C VAL C 54 -0.46 -27.79 14.40
N PRO C 55 0.13 -28.32 15.48
CA PRO C 55 0.08 -27.64 16.77
C PRO C 55 0.77 -26.29 16.72
N ALA C 56 0.39 -25.42 17.65
CA ALA C 56 0.95 -24.07 17.69
C ALA C 56 2.47 -24.09 17.85
N SER C 57 3.00 -25.13 18.52
CA SER C 57 4.45 -25.24 18.63
C SER C 57 5.10 -25.43 17.27
N GLU C 58 4.47 -26.23 16.40
CA GLU C 58 5.00 -26.54 15.09
C GLU C 58 4.58 -25.51 14.05
N ASN C 59 4.02 -24.38 14.47
CA ASN C 59 3.50 -23.36 13.56
C ASN C 59 4.41 -22.13 13.60
N PRO C 60 5.19 -21.86 12.55
CA PRO C 60 6.04 -20.66 12.57
C PRO C 60 5.26 -19.36 12.59
N PHE C 61 3.98 -19.39 12.24
CA PHE C 61 3.15 -18.19 12.23
C PHE C 61 2.30 -18.06 13.49
N ARG C 62 2.67 -18.76 14.55
CA ARG C 62 1.98 -18.62 15.83
C ARG C 62 2.16 -17.22 16.39
N GLU C 63 1.27 -16.82 17.28
CA GLU C 63 1.37 -15.51 17.92
C GLU C 63 1.94 -15.62 19.33
N VAL D 2 33.83 -0.83 -3.32
CA VAL D 2 33.69 -0.63 -1.89
C VAL D 2 35.02 -0.19 -1.31
N GLN D 3 35.04 0.97 -0.67
CA GLN D 3 36.26 1.53 -0.12
C GLN D 3 35.93 2.36 1.11
N LEU D 4 36.67 2.12 2.19
CA LEU D 4 36.54 2.88 3.43
C LEU D 4 37.93 3.29 3.85
N VAL D 5 38.21 4.59 3.84
CA VAL D 5 39.55 5.08 4.17
C VAL D 5 39.45 6.04 5.34
N GLU D 6 40.29 5.82 6.35
CA GLU D 6 40.26 6.59 7.58
C GLU D 6 41.43 7.57 7.63
N SER D 7 41.23 8.66 8.35
CA SER D 7 42.27 9.67 8.55
C SER D 7 42.04 10.35 9.89
N GLY D 8 43.09 10.97 10.41
CA GLY D 8 43.01 11.67 11.67
C GLY D 8 43.87 11.09 12.76
N GLY D 9 44.78 10.19 12.40
CA GLY D 9 45.67 9.57 13.34
C GLY D 9 46.86 10.46 13.67
N GLY D 10 47.81 9.89 14.39
CA GLY D 10 49.03 10.60 14.76
C GLY D 10 49.29 10.53 16.24
N LEU D 11 50.25 11.37 16.68
CA LEU D 11 50.69 11.37 18.06
C LEU D 11 49.97 12.46 18.84
N VAL D 12 49.46 12.11 20.01
CA VAL D 12 48.65 13.02 20.84
C VAL D 12 49.10 12.90 22.28
N GLN D 13 49.15 14.03 22.98
CA GLN D 13 49.35 14.01 24.42
C GLN D 13 48.04 13.67 25.13
N PRO D 14 48.11 13.01 26.29
CA PRO D 14 46.88 12.66 27.00
C PRO D 14 46.08 13.89 27.38
N GLY D 15 44.75 13.76 27.32
CA GLY D 15 43.86 14.87 27.53
C GLY D 15 43.52 15.64 26.28
N GLY D 16 44.18 15.35 25.16
CA GLY D 16 43.87 15.99 23.90
C GLY D 16 42.64 15.40 23.25
N SER D 17 42.29 15.95 22.09
CA SER D 17 41.10 15.52 21.37
C SER D 17 41.42 15.38 19.90
N ARG D 18 40.86 14.35 19.28
CA ARG D 18 41.05 14.10 17.86
C ARG D 18 39.73 13.69 17.22
N LYS D 19 39.58 14.05 15.95
CA LYS D 19 38.42 13.68 15.14
C LYS D 19 38.90 12.69 14.09
N LEU D 20 38.51 11.43 14.23
CA LEU D 20 38.80 10.40 13.24
C LEU D 20 37.70 10.42 12.19
N SER D 21 38.07 10.61 10.93
CA SER D 21 37.10 10.69 9.85
C SER D 21 37.35 9.58 8.85
N CYS D 22 36.32 8.81 8.55
CA CYS D 22 36.38 7.75 7.55
C CYS D 22 35.46 8.10 6.40
N SER D 23 36.03 8.20 5.20
CA SER D 23 35.26 8.49 4.01
C SER D 23 35.00 7.18 3.26
N ALA D 24 33.78 7.03 2.76
CA ALA D 24 33.33 5.79 2.13
C ALA D 24 32.94 6.07 0.69
N SER D 25 33.22 5.10 -0.18
CA SER D 25 32.86 5.22 -1.59
C SER D 25 32.56 3.82 -2.14
N GLY D 26 31.80 3.78 -3.21
CA GLY D 26 31.51 2.54 -3.89
C GLY D 26 30.33 1.74 -3.37
N PHE D 27 29.59 2.27 -2.38
CA PHE D 27 28.42 1.58 -1.87
C PHE D 27 27.48 2.60 -1.27
N ALA D 28 26.23 2.17 -1.07
CA ALA D 28 25.20 3.03 -0.51
C ALA D 28 25.48 3.26 0.97
N PHE D 29 26.18 4.35 1.29
CA PHE D 29 26.65 4.57 2.66
C PHE D 29 25.49 4.76 3.63
N SER D 30 24.45 5.48 3.22
CA SER D 30 23.39 5.86 4.14
C SER D 30 22.59 4.67 4.65
N SER D 31 22.60 3.54 3.95
CA SER D 31 21.81 2.38 4.33
C SER D 31 22.59 1.37 5.15
N PHE D 32 23.81 1.70 5.56
CA PHE D 32 24.66 0.80 6.32
C PHE D 32 24.87 1.35 7.72
N GLY D 33 24.77 0.46 8.71
CA GLY D 33 25.26 0.79 10.04
C GLY D 33 26.78 0.75 10.07
N MET D 34 27.37 1.56 10.92
CA MET D 34 28.81 1.73 10.95
C MET D 34 29.35 1.44 12.36
N HIS D 35 30.48 0.76 12.41
CA HIS D 35 31.15 0.41 13.65
C HIS D 35 32.57 0.96 13.64
N TRP D 36 33.01 1.43 14.80
CA TRP D 36 34.42 1.71 15.06
C TRP D 36 34.95 0.61 15.94
N VAL D 37 36.04 -0.04 15.50
CA VAL D 37 36.65 -1.16 16.19
C VAL D 37 38.15 -0.90 16.30
N ARG D 38 38.70 -1.02 17.50
CA ARG D 38 40.11 -0.70 17.72
C ARG D 38 40.97 -1.96 17.74
N GLN D 39 42.26 -1.75 17.49
CA GLN D 39 43.27 -2.80 17.49
C GLN D 39 44.46 -2.29 18.30
N ALA D 40 44.66 -2.85 19.48
CA ALA D 40 45.81 -2.48 20.30
C ALA D 40 47.10 -2.94 19.60
N PRO D 41 48.22 -2.28 19.88
CA PRO D 41 49.45 -2.58 19.12
C PRO D 41 49.88 -4.04 19.17
N GLU D 42 49.64 -4.74 20.28
CA GLU D 42 50.02 -6.15 20.35
C GLU D 42 48.90 -7.00 20.95
N LYS D 43 47.65 -6.52 20.88
CA LYS D 43 46.52 -7.25 21.43
C LYS D 43 45.47 -7.42 20.33
N GLY D 44 44.34 -8.00 20.69
CA GLY D 44 43.29 -8.32 19.75
C GLY D 44 42.33 -7.17 19.53
N LEU D 45 41.28 -7.46 18.76
CA LEU D 45 40.28 -6.47 18.41
C LEU D 45 39.43 -6.10 19.61
N GLU D 46 38.78 -4.94 19.51
CA GLU D 46 37.94 -4.45 20.59
C GLU D 46 36.91 -3.49 20.02
N TRP D 47 35.64 -3.86 20.08
CA TRP D 47 34.58 -3.01 19.56
C TRP D 47 34.50 -1.71 20.36
N VAL D 48 34.37 -0.58 19.65
CA VAL D 48 34.40 0.73 20.28
C VAL D 48 33.04 1.40 20.21
N ALA D 49 32.49 1.55 19.01
CA ALA D 49 31.26 2.32 18.88
C ALA D 49 30.45 1.83 17.69
N TYR D 50 29.16 2.16 17.70
CA TYR D 50 28.27 1.77 16.61
C TYR D 50 27.18 2.81 16.42
N ILE D 51 26.92 3.17 15.17
CA ILE D 51 25.82 4.07 14.82
C ILE D 51 25.01 3.43 13.70
N SER D 52 23.70 3.36 13.88
CA SER D 52 22.84 2.64 12.95
C SER D 52 22.63 3.48 11.68
N SER D 53 21.96 2.88 10.70
CA SER D 53 21.59 3.60 9.50
C SER D 53 20.49 4.60 9.84
N GLY D 54 20.68 5.85 9.42
CA GLY D 54 19.79 6.91 9.81
C GLY D 54 20.06 7.49 11.18
N SER D 55 21.12 7.05 11.86
CA SER D 55 21.52 7.54 13.17
C SER D 55 20.45 7.31 14.23
N GLY D 56 19.58 6.32 14.02
CA GLY D 56 18.50 6.09 14.98
C GLY D 56 18.99 5.62 16.33
N THR D 57 19.92 4.66 16.35
CA THR D 57 20.44 4.11 17.58
C THR D 57 21.96 4.23 17.58
N ILE D 58 22.52 4.55 18.75
CA ILE D 58 23.95 4.68 18.93
C ILE D 58 24.36 3.91 20.18
N TYR D 59 25.45 3.15 20.07
CA TYR D 59 25.96 2.35 21.17
C TYR D 59 27.44 2.59 21.33
N TYR D 60 27.90 2.55 22.58
CA TYR D 60 29.31 2.74 22.91
C TYR D 60 29.77 1.61 23.82
N ALA D 61 31.07 1.38 23.83
CA ALA D 61 31.68 0.51 24.82
C ALA D 61 31.78 1.24 26.15
N ASP D 62 31.74 0.48 27.25
CA ASP D 62 31.81 1.10 28.57
C ASP D 62 33.12 1.82 28.79
N THR D 63 34.22 1.29 28.23
CA THR D 63 35.53 1.89 28.42
C THR D 63 35.71 3.18 27.63
N VAL D 64 34.75 3.54 26.77
CA VAL D 64 34.85 4.78 25.99
C VAL D 64 33.59 5.60 26.18
N LYS D 65 32.71 5.16 27.07
CA LYS D 65 31.46 5.86 27.30
C LYS D 65 31.71 7.29 27.77
N GLY D 66 31.00 8.23 27.17
CA GLY D 66 31.13 9.62 27.55
C GLY D 66 32.25 10.36 26.85
N ARG D 67 33.40 9.70 26.71
CA ARG D 67 34.55 10.35 26.08
C ARG D 67 34.39 10.41 24.56
N PHE D 68 33.82 9.37 23.97
CA PHE D 68 33.76 9.24 22.51
C PHE D 68 32.37 9.61 22.01
N THR D 69 32.33 10.26 20.84
CA THR D 69 31.08 10.58 20.17
C THR D 69 31.17 10.11 18.72
N ILE D 70 30.25 9.24 18.32
CA ILE D 70 30.20 8.72 16.96
C ILE D 70 29.07 9.41 16.22
N SER D 71 29.34 9.83 14.99
CA SER D 71 28.35 10.52 14.17
C SER D 71 28.57 10.16 12.72
N ARG D 72 27.55 10.41 11.90
CA ARG D 72 27.66 10.15 10.47
C ARG D 72 27.07 11.32 9.70
N ASP D 73 27.70 11.66 8.58
CA ASP D 73 27.22 12.70 7.68
C ASP D 73 26.97 11.99 6.34
N ASP D 74 25.71 11.63 6.12
CA ASP D 74 25.36 10.85 4.94
C ASP D 74 25.57 11.57 3.62
N PRO D 75 25.17 12.85 3.44
CA PRO D 75 25.38 13.48 2.13
C PRO D 75 26.82 13.48 1.66
N LYS D 76 27.78 13.62 2.56
CA LYS D 76 29.19 13.55 2.21
C LYS D 76 29.75 12.14 2.35
N ASN D 77 28.94 11.17 2.77
CA ASN D 77 29.37 9.78 2.94
C ASN D 77 30.56 9.69 3.90
N THR D 78 30.39 10.23 5.10
CA THR D 78 31.50 10.30 6.05
C THR D 78 31.07 9.81 7.42
N LEU D 79 31.98 9.20 8.15
CA LEU D 79 31.77 8.77 9.52
C LEU D 79 32.81 9.43 10.43
N PHE D 80 32.35 9.96 11.56
CA PHE D 80 33.21 10.72 12.47
C PHE D 80 33.22 10.07 13.84
N LEU D 81 34.40 10.07 14.46
CA LEU D 81 34.55 9.70 15.87
C LEU D 81 35.34 10.81 16.55
N GLN D 82 34.65 11.60 17.36
CA GLN D 82 35.27 12.68 18.12
C GLN D 82 35.63 12.15 19.51
N MET D 83 36.92 12.16 19.84
CA MET D 83 37.40 11.57 21.08
C MET D 83 37.98 12.67 21.97
N THR D 84 37.56 12.68 23.23
CA THR D 84 37.95 13.70 24.18
C THR D 84 38.63 13.04 25.38
N SER D 85 39.61 13.74 25.96
CA SER D 85 40.34 13.28 27.13
C SER D 85 40.95 11.90 26.90
N LEU D 86 41.83 11.84 25.92
CA LEU D 86 42.44 10.57 25.53
C LEU D 86 43.35 10.04 26.63
N ARG D 87 43.20 8.75 26.96
CA ARG D 87 44.08 8.09 27.90
C ARG D 87 45.25 7.47 27.16
N SER D 88 46.18 6.89 27.91
CA SER D 88 47.30 6.18 27.30
C SER D 88 46.90 4.83 26.72
N GLU D 89 45.75 4.29 27.12
CA GLU D 89 45.27 3.03 26.61
C GLU D 89 44.40 3.19 25.38
N ASP D 90 44.21 4.42 24.89
CA ASP D 90 43.47 4.68 23.68
C ASP D 90 44.33 4.59 22.42
N THR D 91 45.63 4.36 22.57
CA THR D 91 46.50 4.17 21.41
C THR D 91 46.15 2.85 20.72
N ALA D 92 45.93 2.91 19.42
CA ALA D 92 45.47 1.75 18.67
C ALA D 92 45.36 2.12 17.20
N MET D 93 45.12 1.11 16.37
CA MET D 93 44.71 1.32 15.00
C MET D 93 43.20 1.15 14.93
N TYR D 94 42.50 2.17 14.43
CA TYR D 94 41.05 2.21 14.43
C TYR D 94 40.54 1.83 13.06
N TYR D 95 39.68 0.81 13.00
CA TYR D 95 39.04 0.34 11.78
C TYR D 95 37.58 0.78 11.77
N CYS D 96 37.12 1.13 10.59
CA CYS D 96 35.71 1.43 10.34
C CYS D 96 35.10 0.27 9.58
N VAL D 97 33.99 -0.24 10.09
CA VAL D 97 33.37 -1.45 9.56
C VAL D 97 31.93 -1.13 9.17
N ARG D 98 31.52 -1.56 7.98
CA ARG D 98 30.15 -1.45 7.56
C ARG D 98 29.39 -2.72 7.94
N SER D 99 28.10 -2.57 8.21
CA SER D 99 27.27 -3.71 8.57
C SER D 99 25.81 -3.35 8.32
N ILE D 100 25.13 -4.14 7.51
CA ILE D 100 23.73 -3.94 7.18
C ILE D 100 22.94 -5.10 7.77
N TYR D 101 21.77 -4.80 8.33
CA TYR D 101 21.00 -5.77 9.09
C TYR D 101 19.63 -5.95 8.46
N TYR D 102 19.40 -7.13 7.90
CA TYR D 102 18.08 -7.59 7.50
C TYR D 102 18.14 -9.11 7.47
N TYR D 103 17.00 -9.72 7.18
CA TYR D 103 16.95 -11.18 7.17
C TYR D 103 17.92 -11.74 6.13
N GLY D 104 18.92 -12.46 6.60
CA GLY D 104 19.91 -13.06 5.73
C GLY D 104 21.06 -12.16 5.33
N SER D 105 21.18 -10.98 5.93
CA SER D 105 22.27 -10.08 5.57
C SER D 105 23.60 -10.59 6.11
N SER D 106 24.66 -9.87 5.79
CA SER D 106 26.02 -10.23 6.18
C SER D 106 26.69 -9.02 6.81
N PRO D 107 26.45 -8.78 8.09
CA PRO D 107 27.10 -7.65 8.76
C PRO D 107 28.59 -7.88 8.96
N PHE D 108 29.30 -6.77 9.14
CA PHE D 108 30.75 -6.76 9.32
C PHE D 108 31.47 -7.34 8.10
N ASP D 109 30.88 -7.19 6.92
CA ASP D 109 31.43 -7.83 5.72
C ASP D 109 32.64 -7.10 5.18
N PHE D 110 32.71 -5.77 5.32
CA PHE D 110 33.83 -5.00 4.81
C PHE D 110 34.43 -4.15 5.90
N TRP D 111 35.75 -4.13 5.96
CA TRP D 111 36.51 -3.38 6.96
C TRP D 111 37.39 -2.34 6.28
N GLY D 112 37.53 -1.20 6.93
CA GLY D 112 38.41 -0.17 6.42
C GLY D 112 39.87 -0.49 6.67
N GLN D 113 40.73 0.38 6.13
CA GLN D 113 42.18 0.18 6.32
C GLN D 113 42.60 0.49 7.75
N GLY D 114 41.96 1.46 8.38
CA GLY D 114 42.31 1.82 9.75
C GLY D 114 43.35 2.92 9.81
N THR D 115 43.25 3.74 10.85
CA THR D 115 44.18 4.84 11.08
C THR D 115 44.87 4.64 12.42
N THR D 116 46.17 4.91 12.45
CA THR D 116 46.94 4.68 13.68
C THR D 116 46.94 5.93 14.55
N LEU D 117 46.67 5.74 15.83
CA LEU D 117 46.73 6.81 16.81
C LEU D 117 47.60 6.37 17.97
N THR D 118 48.55 7.22 18.35
CA THR D 118 49.45 6.99 19.46
C THR D 118 49.23 8.06 20.51
N VAL D 119 49.16 7.66 21.77
CA VAL D 119 49.05 8.59 22.89
C VAL D 119 50.33 8.49 23.70
N SER D 120 51.02 9.62 23.84
CA SER D 120 52.30 9.68 24.54
C SER D 120 52.14 10.43 25.84
N ALA D 121 52.10 9.70 26.95
CA ALA D 121 51.96 10.30 28.26
C ALA D 121 53.25 11.01 28.68
N ASP D 138 29.32 -8.21 29.21
CA ASP D 138 29.11 -9.28 30.18
C ASP D 138 29.43 -10.66 29.60
N ILE D 139 29.47 -10.75 28.28
CA ILE D 139 29.78 -12.01 27.61
C ILE D 139 31.28 -12.08 27.37
N VAL D 140 31.90 -13.18 27.79
CA VAL D 140 33.32 -13.39 27.64
C VAL D 140 33.53 -14.47 26.59
N MET D 141 34.29 -14.14 25.54
CA MET D 141 34.57 -15.06 24.45
C MET D 141 36.01 -15.50 24.57
N THR D 142 36.24 -16.81 24.72
CA THR D 142 37.54 -17.36 25.05
C THR D 142 38.00 -18.29 23.94
N GLN D 143 39.20 -18.04 23.43
CA GLN D 143 39.85 -18.97 22.51
C GLN D 143 40.92 -19.72 23.29
N ALA D 144 40.85 -21.05 23.29
CA ALA D 144 41.72 -21.85 24.15
C ALA D 144 43.19 -21.66 23.80
N THR D 145 43.51 -21.62 22.51
CA THR D 145 44.88 -21.58 22.06
C THR D 145 45.21 -20.21 21.47
N SER D 146 46.44 -19.75 21.71
CA SER D 146 46.91 -18.48 21.20
C SER D 146 47.86 -18.61 20.00
N SER D 147 48.37 -19.80 19.72
CA SER D 147 49.28 -19.98 18.60
C SER D 147 49.27 -21.45 18.18
N VAL D 148 49.12 -21.71 16.89
CA VAL D 148 49.09 -23.07 16.36
C VAL D 148 50.02 -23.16 15.15
N PRO D 149 51.10 -23.92 15.22
CA PRO D 149 51.95 -24.13 14.03
C PRO D 149 51.35 -25.17 13.12
N VAL D 150 51.22 -24.83 11.83
CA VAL D 150 50.59 -25.71 10.85
C VAL D 150 51.43 -25.75 9.58
N THR D 151 51.14 -26.75 8.75
CA THR D 151 51.74 -26.92 7.44
C THR D 151 50.65 -27.00 6.38
N PRO D 152 50.91 -26.49 5.17
CA PRO D 152 49.89 -26.53 4.12
C PRO D 152 49.50 -27.96 3.79
N GLY D 153 48.21 -28.17 3.53
CA GLY D 153 47.71 -29.46 3.13
C GLY D 153 46.82 -30.13 4.16
N GLU D 154 47.00 -29.81 5.43
CA GLU D 154 46.28 -30.49 6.50
C GLU D 154 45.13 -29.63 7.02
N SER D 155 44.08 -30.30 7.50
CA SER D 155 42.95 -29.61 8.09
C SER D 155 43.31 -29.11 9.49
N VAL D 156 42.77 -27.94 9.84
CA VAL D 156 43.04 -27.29 11.11
C VAL D 156 41.71 -26.91 11.75
N SER D 157 41.61 -27.10 13.06
CA SER D 157 40.41 -26.75 13.82
C SER D 157 40.76 -25.72 14.87
N ILE D 158 39.96 -24.65 14.93
CA ILE D 158 40.12 -23.59 15.91
C ILE D 158 38.86 -23.55 16.75
N SER D 159 39.01 -23.52 18.07
CA SER D 159 37.89 -23.60 18.98
C SER D 159 37.65 -22.25 19.66
N CYS D 160 36.38 -21.93 19.85
CA CYS D 160 35.96 -20.75 20.60
C CYS D 160 34.87 -21.15 21.57
N ARG D 161 34.83 -20.48 22.72
CA ARG D 161 33.89 -20.80 23.77
C ARG D 161 33.26 -19.52 24.29
N SER D 162 32.00 -19.63 24.70
CA SER D 162 31.23 -18.46 25.14
C SER D 162 30.78 -18.66 26.58
N SER D 163 30.85 -17.59 27.36
CA SER D 163 30.37 -17.63 28.74
C SER D 163 28.85 -17.67 28.80
N LYS D 164 28.17 -17.31 27.71
CA LYS D 164 26.72 -17.33 27.63
C LYS D 164 26.32 -17.97 26.31
N SER D 165 25.26 -18.76 26.32
CA SER D 165 24.81 -19.42 25.10
C SER D 165 24.41 -18.39 24.06
N LEU D 166 25.01 -18.47 22.88
CA LEU D 166 24.70 -17.55 21.79
C LEU D 166 23.49 -17.96 20.98
N LEU D 167 22.98 -19.16 21.16
CA LEU D 167 21.81 -19.62 20.43
C LEU D 167 20.57 -18.88 20.92
N HIS D 168 20.08 -17.95 20.11
CA HIS D 168 18.87 -17.21 20.45
C HIS D 168 17.64 -18.09 20.27
N SER D 169 16.53 -17.64 20.85
CA SER D 169 15.28 -18.40 20.76
C SER D 169 14.75 -18.46 19.34
N ASN D 170 15.16 -17.54 18.46
CA ASN D 170 14.69 -17.54 17.08
C ASN D 170 15.44 -18.53 16.19
N GLY D 171 16.46 -19.20 16.73
CA GLY D 171 17.18 -20.21 16.00
C GLY D 171 18.53 -19.78 15.48
N ASN D 172 18.87 -18.50 15.58
CA ASN D 172 20.15 -18.00 15.07
C ASN D 172 21.19 -17.99 16.19
N THR D 173 22.36 -18.53 15.89
CA THR D 173 23.51 -18.46 16.79
C THR D 173 24.45 -17.38 16.27
N TYR D 174 24.60 -16.30 17.04
CA TYR D 174 25.27 -15.09 16.56
C TYR D 174 26.76 -15.16 16.90
N LEU D 175 27.49 -15.93 16.08
CA LEU D 175 28.94 -15.99 16.17
C LEU D 175 29.54 -15.67 14.81
N TYR D 176 30.50 -14.76 14.78
CA TYR D 176 31.17 -14.36 13.55
C TYR D 176 32.65 -14.69 13.65
N TRP D 177 33.22 -15.14 12.54
CA TRP D 177 34.65 -15.45 12.46
C TRP D 177 35.34 -14.44 11.55
N PHE D 178 36.49 -13.96 11.99
CA PHE D 178 37.29 -13.00 11.23
C PHE D 178 38.71 -13.51 11.08
N LEU D 179 39.33 -13.18 9.96
CA LEU D 179 40.72 -13.53 9.70
C LEU D 179 41.50 -12.26 9.39
N GLN D 180 42.57 -12.03 10.13
CA GLN D 180 43.44 -10.87 9.93
C GLN D 180 44.78 -11.37 9.43
N ARG D 181 45.08 -11.11 8.17
CA ARG D 181 46.38 -11.42 7.61
C ARG D 181 47.39 -10.36 8.03
N PRO D 182 48.68 -10.69 8.04
CA PRO D 182 49.69 -9.71 8.49
C PRO D 182 49.67 -8.46 7.63
N GLY D 183 49.58 -7.31 8.29
CA GLY D 183 49.60 -6.03 7.61
C GLY D 183 48.32 -5.65 6.91
N GLN D 184 47.23 -6.39 7.11
CA GLN D 184 45.97 -6.13 6.43
C GLN D 184 44.84 -6.09 7.44
N SER D 185 43.74 -5.45 7.04
CA SER D 185 42.54 -5.41 7.86
C SER D 185 41.91 -6.80 7.95
N PRO D 186 41.26 -7.12 9.05
CA PRO D 186 40.54 -8.40 9.14
C PRO D 186 39.36 -8.43 8.19
N GLN D 187 39.01 -9.62 7.74
CA GLN D 187 37.88 -9.82 6.84
C GLN D 187 36.95 -10.86 7.42
N LEU D 188 35.67 -10.74 7.08
CA LEU D 188 34.68 -11.71 7.54
C LEU D 188 34.87 -13.03 6.81
N LEU D 189 34.88 -14.12 7.57
CA LEU D 189 34.92 -15.47 7.01
C LEU D 189 33.58 -16.17 7.09
N ILE D 190 33.00 -16.21 8.29
CA ILE D 190 31.74 -16.90 8.54
C ILE D 190 30.88 -16.01 9.41
N TYR D 191 29.60 -15.91 9.08
CA TYR D 191 28.66 -15.17 9.90
C TYR D 191 27.55 -16.10 10.39
N ARG D 192 27.18 -15.93 11.65
CA ARG D 192 26.22 -16.78 12.34
C ARG D 192 26.65 -18.24 12.32
N MET D 193 27.96 -18.46 12.46
CA MET D 193 28.65 -19.71 12.78
C MET D 193 28.37 -20.84 11.80
N SER D 194 27.60 -20.58 10.75
CA SER D 194 27.41 -21.59 9.72
C SER D 194 27.44 -21.06 8.30
N ASN D 195 27.33 -19.75 8.08
CA ASN D 195 27.17 -19.19 6.76
C ASN D 195 28.51 -18.68 6.25
N LEU D 196 28.92 -19.17 5.08
CA LEU D 196 30.19 -18.79 4.50
C LEU D 196 30.03 -17.44 3.80
N ALA D 197 30.88 -16.48 4.14
CA ALA D 197 30.78 -15.16 3.55
C ALA D 197 31.11 -15.22 2.05
N SER D 198 30.49 -14.32 1.29
CA SER D 198 30.71 -14.30 -0.15
C SER D 198 32.16 -13.98 -0.46
N GLY D 199 32.73 -14.72 -1.41
CA GLY D 199 34.11 -14.56 -1.79
C GLY D 199 35.09 -15.37 -0.95
N VAL D 200 34.61 -16.09 0.06
CA VAL D 200 35.48 -16.91 0.91
C VAL D 200 35.45 -18.33 0.36
N PRO D 201 36.61 -18.97 0.16
CA PRO D 201 36.63 -20.33 -0.39
C PRO D 201 35.92 -21.32 0.52
N ASP D 202 35.36 -22.35 -0.10
CA ASP D 202 34.60 -23.36 0.63
C ASP D 202 35.47 -24.20 1.57
N ARG D 203 36.78 -23.94 1.62
CA ARG D 203 37.62 -24.65 2.56
C ARG D 203 37.22 -24.33 4.00
N PHE D 204 36.94 -23.06 4.29
CA PHE D 204 36.52 -22.67 5.62
C PHE D 204 35.11 -23.16 5.90
N SER D 205 34.88 -23.66 7.11
CA SER D 205 33.56 -24.08 7.54
C SER D 205 33.40 -23.80 9.03
N GLY D 206 32.17 -23.55 9.46
CA GLY D 206 31.88 -23.28 10.85
C GLY D 206 30.84 -24.25 11.38
N SER D 207 30.99 -24.62 12.64
CA SER D 207 30.07 -25.57 13.24
C SER D 207 30.09 -25.39 14.75
N GLY D 208 29.22 -26.12 15.43
CA GLY D 208 29.20 -26.16 16.86
C GLY D 208 27.80 -25.92 17.39
N SER D 209 27.73 -25.73 18.70
CA SER D 209 26.46 -25.43 19.37
C SER D 209 26.70 -24.34 20.41
N GLY D 210 25.66 -23.97 21.15
CA GLY D 210 25.78 -22.91 22.12
C GLY D 210 26.95 -23.10 23.07
N THR D 211 27.77 -22.06 23.20
CA THR D 211 28.96 -21.98 24.05
C THR D 211 30.14 -22.80 23.56
N ALA D 212 30.04 -23.48 22.41
CA ALA D 212 31.16 -24.28 21.91
C ALA D 212 31.13 -24.27 20.39
N PHE D 213 32.09 -23.56 19.78
CA PHE D 213 32.11 -23.37 18.34
C PHE D 213 33.46 -23.75 17.76
N THR D 214 33.44 -24.19 16.51
CA THR D 214 34.66 -24.65 15.84
C THR D 214 34.70 -24.11 14.41
N LEU D 215 35.88 -23.64 14.02
CA LEU D 215 36.16 -23.22 12.67
C LEU D 215 37.17 -24.18 12.06
N THR D 216 36.83 -24.76 10.92
CA THR D 216 37.64 -25.77 10.26
C THR D 216 38.18 -25.21 8.95
N ILE D 217 39.50 -25.28 8.79
CA ILE D 217 40.17 -24.87 7.56
C ILE D 217 40.77 -26.14 6.95
N SER D 218 40.12 -26.64 5.91
CA SER D 218 40.59 -27.85 5.22
C SER D 218 41.47 -27.47 4.04
N ARG D 219 42.56 -28.21 3.87
CA ARG D 219 43.54 -27.95 2.83
C ARG D 219 44.10 -26.54 2.94
N LEU D 220 44.74 -26.28 4.09
CA LEU D 220 45.24 -24.95 4.40
C LEU D 220 46.30 -24.52 3.39
N GLU D 221 46.29 -23.24 3.06
CA GLU D 221 47.20 -22.65 2.09
C GLU D 221 48.01 -21.53 2.75
N ALA D 222 48.97 -21.00 2.00
CA ALA D 222 49.79 -19.90 2.51
C ALA D 222 48.96 -18.67 2.82
N GLU D 223 47.93 -18.42 2.01
CA GLU D 223 47.09 -17.24 2.22
C GLU D 223 46.31 -17.29 3.52
N ASP D 224 46.03 -18.49 4.03
CA ASP D 224 45.24 -18.64 5.24
C ASP D 224 46.01 -18.31 6.52
N VAL D 225 47.30 -18.03 6.41
CA VAL D 225 48.09 -17.70 7.59
C VAL D 225 47.67 -16.35 8.13
N GLY D 226 47.37 -16.29 9.42
CA GLY D 226 46.95 -15.05 10.04
C GLY D 226 46.41 -15.32 11.44
N VAL D 227 45.68 -14.33 11.95
CA VAL D 227 45.07 -14.41 13.28
C VAL D 227 43.57 -14.56 13.11
N TYR D 228 42.99 -15.53 13.81
CA TYR D 228 41.57 -15.83 13.70
C TYR D 228 40.85 -15.37 14.96
N TYR D 229 39.77 -14.63 14.78
CA TYR D 229 38.99 -14.07 15.87
C TYR D 229 37.56 -14.58 15.81
N CYS D 230 36.99 -14.82 16.99
CA CYS D 230 35.57 -15.13 17.13
C CYS D 230 34.91 -14.00 17.90
N MET D 231 33.79 -13.50 17.37
CA MET D 231 33.10 -12.38 17.99
C MET D 231 31.62 -12.73 18.09
N GLN D 232 30.95 -12.20 19.11
CA GLN D 232 29.54 -12.47 19.33
C GLN D 232 28.73 -11.24 18.98
N HIS D 233 27.53 -11.45 18.42
CA HIS D 233 26.61 -10.36 18.10
C HIS D 233 25.27 -10.52 18.80
N LEU D 234 25.22 -11.33 19.86
CA LEU D 234 23.95 -11.53 20.56
C LEU D 234 23.53 -10.28 21.34
N GLU D 235 24.49 -9.60 21.97
CA GLU D 235 24.20 -8.38 22.70
C GLU D 235 25.15 -7.28 22.27
N TYR D 236 25.13 -6.14 22.97
CA TYR D 236 26.03 -5.03 22.64
C TYR D 236 27.05 -4.69 23.72
N PRO D 237 27.83 -5.64 24.19
CA PRO D 237 29.23 -5.33 24.48
C PRO D 237 30.08 -5.60 23.25
N LEU D 238 29.56 -6.43 22.35
CA LEU D 238 30.26 -6.87 21.14
C LEU D 238 31.71 -7.28 21.45
N THR D 239 31.82 -8.34 22.23
CA THR D 239 33.13 -8.79 22.67
C THR D 239 33.76 -9.72 21.64
N PHE D 240 35.05 -9.54 21.41
CA PHE D 240 35.84 -10.35 20.50
C PHE D 240 36.59 -11.44 21.25
N GLY D 241 37.15 -12.37 20.50
CA GLY D 241 38.00 -13.40 21.07
C GLY D 241 39.42 -12.92 21.26
N ALA D 242 40.22 -13.76 21.91
CA ALA D 242 41.62 -13.41 22.17
C ALA D 242 42.43 -13.37 20.88
N GLY D 243 42.19 -14.33 19.98
CA GLY D 243 42.92 -14.38 18.74
C GLY D 243 43.84 -15.57 18.63
N THR D 244 43.52 -16.50 17.72
CA THR D 244 44.34 -17.68 17.50
C THR D 244 45.20 -17.45 16.26
N LYS D 245 46.52 -17.51 16.44
CA LYS D 245 47.46 -17.21 15.38
C LYS D 245 48.04 -18.48 14.80
N LEU D 246 48.18 -18.53 13.48
CA LEU D 246 48.73 -19.68 12.78
C LEU D 246 50.07 -19.30 12.15
N GLU D 247 51.03 -20.21 12.24
CA GLU D 247 52.36 -20.03 11.67
C GLU D 247 52.63 -21.16 10.69
N LEU D 248 53.85 -21.16 10.15
CA LEU D 248 54.27 -22.22 9.23
C LEU D 248 55.51 -22.93 9.74
N SER E 73 -42.85 26.14 44.19
CA SER E 73 -43.52 25.89 42.93
C SER E 73 -43.13 24.53 42.37
N MET E 74 -44.01 23.54 42.56
CA MET E 74 -43.71 22.19 42.08
C MET E 74 -43.62 22.14 40.57
N ILE E 75 -44.54 22.82 39.88
CA ILE E 75 -44.57 22.73 38.41
C ILE E 75 -43.30 23.28 37.81
N THR E 76 -42.82 24.43 38.31
CA THR E 76 -41.59 25.02 37.78
C THR E 76 -40.41 24.08 37.96
N ALA E 77 -40.28 23.48 39.16
CA ALA E 77 -39.18 22.56 39.41
C ALA E 77 -39.26 21.35 38.49
N ILE E 78 -40.46 20.80 38.31
CA ILE E 78 -40.61 19.65 37.42
C ILE E 78 -40.20 20.02 36.00
N THR E 79 -40.65 21.19 35.52
CA THR E 79 -40.31 21.58 34.15
C THR E 79 -38.81 21.77 33.97
N ILE E 80 -38.17 22.47 34.92
CA ILE E 80 -36.74 22.73 34.77
C ILE E 80 -35.94 21.44 34.84
N MET E 81 -36.27 20.57 35.81
CA MET E 81 -35.54 19.31 35.94
C MET E 81 -35.77 18.42 34.72
N ALA E 82 -36.99 18.39 34.20
CA ALA E 82 -37.27 17.60 33.01
C ALA E 82 -36.50 18.14 31.81
N LEU E 83 -36.44 19.46 31.66
CA LEU E 83 -35.67 20.05 30.57
C LEU E 83 -34.21 19.67 30.64
N TYR E 84 -33.60 19.85 31.82
CA TYR E 84 -32.19 19.52 31.97
C TYR E 84 -31.96 18.03 31.72
N SER E 85 -32.83 17.18 32.27
CA SER E 85 -32.65 15.74 32.12
C SER E 85 -32.79 15.30 30.68
N ILE E 86 -33.78 15.84 29.95
CA ILE E 86 -33.97 15.40 28.58
C ILE E 86 -32.83 15.90 27.70
N VAL E 87 -32.36 17.13 27.91
CA VAL E 87 -31.22 17.62 27.14
C VAL E 87 -30.00 16.75 27.42
N CYS E 88 -29.76 16.44 28.70
CA CYS E 88 -28.60 15.62 29.06
C CYS E 88 -28.68 14.25 28.43
N VAL E 89 -29.83 13.58 28.52
CA VAL E 89 -29.92 12.21 28.03
C VAL E 89 -29.83 12.18 26.51
N VAL E 90 -30.47 13.12 25.82
CA VAL E 90 -30.40 13.14 24.37
C VAL E 90 -28.98 13.41 23.91
N GLY E 91 -28.31 14.39 24.54
CA GLY E 91 -26.94 14.68 24.17
C GLY E 91 -26.01 13.49 24.39
N LEU E 92 -26.11 12.88 25.57
CA LEU E 92 -25.25 11.73 25.86
C LEU E 92 -25.49 10.59 24.89
N PHE E 93 -26.77 10.26 24.65
CA PHE E 93 -27.09 9.16 23.76
C PHE E 93 -26.58 9.43 22.34
N GLY E 94 -26.86 10.62 21.80
CA GLY E 94 -26.44 10.93 20.45
C GLY E 94 -24.93 10.95 20.30
N ASN E 95 -24.23 11.60 21.23
CA ASN E 95 -22.78 11.70 21.12
C ASN E 95 -22.11 10.34 21.30
N PHE E 96 -22.58 9.53 22.24
CA PHE E 96 -21.99 8.21 22.41
C PHE E 96 -22.27 7.32 21.21
N LEU E 97 -23.47 7.43 20.62
CA LEU E 97 -23.75 6.68 19.40
C LEU E 97 -22.82 7.10 18.27
N VAL E 98 -22.59 8.41 18.13
CA VAL E 98 -21.70 8.90 17.07
C VAL E 98 -20.29 8.36 17.28
N MET E 99 -19.79 8.45 18.51
CA MET E 99 -18.44 7.97 18.80
C MET E 99 -18.34 6.47 18.53
N TYR E 100 -19.34 5.70 18.95
CA TYR E 100 -19.31 4.25 18.74
C TYR E 100 -19.32 3.92 17.26
N VAL E 101 -20.15 4.60 16.48
CA VAL E 101 -20.23 4.34 15.04
C VAL E 101 -18.91 4.67 14.37
N ILE E 102 -18.30 5.79 14.76
CA ILE E 102 -16.99 6.15 14.19
C ILE E 102 -15.95 5.10 14.54
N VAL E 103 -15.90 4.67 15.80
CA VAL E 103 -14.86 3.75 16.23
C VAL E 103 -15.02 2.39 15.56
N ARG E 104 -16.26 1.90 15.46
CA ARG E 104 -16.48 0.55 14.96
C ARG E 104 -16.55 0.50 13.43
N TYR E 105 -17.50 1.23 12.84
CA TYR E 105 -17.79 1.11 11.41
C TYR E 105 -17.01 2.09 10.56
N THR E 106 -17.22 3.39 10.79
CA THR E 106 -16.70 4.40 9.87
C THR E 106 -15.17 4.47 9.90
N LYS E 107 -14.58 4.35 11.10
CA LYS E 107 -13.13 4.43 11.32
C LYS E 107 -12.59 5.82 11.04
N MET E 108 -11.52 6.19 11.74
CA MET E 108 -10.98 7.56 11.68
C MET E 108 -9.87 7.67 10.65
N LYS E 109 -10.23 7.43 9.39
CA LYS E 109 -9.27 7.45 8.30
C LYS E 109 -9.14 8.82 7.65
N THR E 110 -10.21 9.61 7.63
CA THR E 110 -10.21 10.91 6.99
C THR E 110 -10.18 12.02 8.03
N ALA E 111 -9.88 13.24 7.58
CA ALA E 111 -9.86 14.38 8.47
C ALA E 111 -11.26 14.69 9.00
N THR E 112 -12.27 14.53 8.15
CA THR E 112 -13.65 14.82 8.57
C THR E 112 -14.08 13.91 9.71
N ASN E 113 -13.72 12.62 9.63
CA ASN E 113 -14.07 11.69 10.69
C ASN E 113 -13.38 12.07 12.00
N ILE E 114 -12.11 12.50 11.92
CA ILE E 114 -11.39 12.91 13.11
C ILE E 114 -12.06 14.13 13.75
N TYR E 115 -12.43 15.12 12.92
CA TYR E 115 -13.11 16.29 13.44
C TYR E 115 -14.45 15.93 14.07
N ILE E 116 -15.20 15.04 13.42
CA ILE E 116 -16.50 14.65 13.95
C ILE E 116 -16.36 13.92 15.27
N PHE E 117 -15.37 13.02 15.38
CA PHE E 117 -15.15 12.34 16.65
C PHE E 117 -14.77 13.32 17.74
N ASN E 118 -13.89 14.28 17.42
CA ASN E 118 -13.50 15.27 18.42
C ASN E 118 -14.69 16.09 18.88
N LEU E 119 -15.54 16.51 17.94
CA LEU E 119 -16.72 17.27 18.29
C LEU E 119 -17.67 16.45 19.15
N ALA E 120 -17.86 15.18 18.81
CA ALA E 120 -18.75 14.33 19.60
C ALA E 120 -18.23 14.14 21.02
N LEU E 121 -16.92 13.93 21.16
CA LEU E 121 -16.34 13.76 22.50
C LEU E 121 -16.51 15.03 23.32
N ALA E 122 -16.18 16.19 22.72
CA ALA E 122 -16.32 17.44 23.45
C ALA E 122 -17.77 17.71 23.83
N ASP E 123 -18.70 17.42 22.93
CA ASP E 123 -20.10 17.66 23.20
C ASP E 123 -20.61 16.76 24.32
N ALA E 124 -20.21 15.49 24.30
CA ALA E 124 -20.62 14.56 25.35
C ALA E 124 -20.08 15.01 26.70
N LEU E 125 -18.81 15.41 26.74
CA LEU E 125 -18.25 15.87 28.02
C LEU E 125 -18.93 17.15 28.49
N ALA E 126 -19.25 18.06 27.57
CA ALA E 126 -19.91 19.30 27.97
C ALA E 126 -21.30 19.04 28.51
N THR E 127 -22.05 18.13 27.88
CA THR E 127 -23.39 17.83 28.33
C THR E 127 -23.41 16.90 29.53
N SER E 128 -22.28 16.27 29.87
CA SER E 128 -22.21 15.42 31.05
C SER E 128 -22.32 16.18 32.36
N THR E 129 -22.11 17.50 32.35
CA THR E 129 -22.21 18.29 33.58
C THR E 129 -23.62 18.81 33.83
N LEU E 130 -24.58 18.47 32.98
CA LEU E 130 -25.96 18.91 33.19
C LEU E 130 -26.56 18.36 34.48
N PRO E 131 -26.43 17.07 34.82
CA PRO E 131 -27.01 16.60 36.08
C PRO E 131 -26.51 17.34 37.30
N PHE E 132 -25.24 17.72 37.33
CA PHE E 132 -24.67 18.38 38.50
C PHE E 132 -25.32 19.75 38.73
N GLN E 133 -25.45 20.55 37.67
CA GLN E 133 -26.07 21.85 37.85
C GLN E 133 -27.58 21.75 38.00
N SER E 134 -28.19 20.69 37.46
CA SER E 134 -29.60 20.44 37.74
C SER E 134 -29.82 20.17 39.22
N VAL E 135 -28.95 19.36 39.82
CA VAL E 135 -29.00 19.13 41.27
C VAL E 135 -28.73 20.41 42.03
N ASN E 136 -27.76 21.21 41.56
CA ASN E 136 -27.48 22.49 42.18
C ASN E 136 -28.72 23.37 42.22
N TYR E 137 -29.48 23.40 41.12
CA TYR E 137 -30.71 24.18 41.10
C TYR E 137 -31.75 23.58 42.04
N LEU E 138 -31.95 22.25 41.98
CA LEU E 138 -33.02 21.62 42.74
C LEU E 138 -32.80 21.78 44.24
N MET E 139 -31.60 21.46 44.72
CA MET E 139 -31.31 21.51 46.15
C MET E 139 -30.99 22.90 46.64
N GLY E 140 -30.78 23.86 45.74
CA GLY E 140 -30.40 25.20 46.16
C GLY E 140 -29.03 25.30 46.78
N THR E 141 -28.19 24.27 46.62
CA THR E 141 -26.87 24.24 47.22
C THR E 141 -25.99 23.31 46.39
N TRP E 142 -24.73 23.18 46.80
CA TRP E 142 -23.74 22.37 46.11
C TRP E 142 -23.26 21.27 47.04
N PRO E 143 -23.89 20.10 47.02
CA PRO E 143 -23.52 19.01 47.92
C PRO E 143 -22.46 18.08 47.34
N PHE E 144 -21.35 18.66 46.90
CA PHE E 144 -20.27 17.88 46.32
C PHE E 144 -18.88 18.25 46.82
N GLY E 145 -18.70 19.43 47.42
CA GLY E 145 -17.41 19.77 47.99
C GLY E 145 -16.72 20.93 47.29
N THR E 146 -15.41 20.82 47.12
CA THR E 146 -14.64 21.84 46.43
C THR E 146 -13.81 21.29 45.29
N ILE E 147 -13.25 20.09 45.41
CA ILE E 147 -12.52 19.46 44.31
C ILE E 147 -13.45 19.13 43.16
N LEU E 148 -14.64 18.58 43.46
CA LEU E 148 -15.59 18.26 42.41
C LEU E 148 -16.18 19.52 41.80
N CYS E 149 -16.32 20.58 42.59
CA CYS E 149 -16.74 21.87 42.03
C CYS E 149 -15.76 22.35 40.98
N LYS E 150 -14.46 22.32 41.30
CA LYS E 150 -13.45 22.73 40.33
C LYS E 150 -13.49 21.83 39.10
N ILE E 151 -13.57 20.52 39.31
CA ILE E 151 -13.60 19.59 38.18
C ILE E 151 -14.79 19.83 37.26
N VAL E 152 -15.98 20.07 37.82
CA VAL E 152 -17.17 20.28 37.00
C VAL E 152 -17.11 21.63 36.27
N ILE E 153 -16.73 22.70 36.96
CA ILE E 153 -16.71 24.00 36.32
C ILE E 153 -15.66 24.03 35.21
N SER E 154 -14.48 23.48 35.48
CA SER E 154 -13.42 23.48 34.47
C SER E 154 -13.85 22.67 33.25
N ILE E 155 -14.50 21.53 33.49
CA ILE E 155 -14.94 20.70 32.36
C ILE E 155 -15.95 21.48 31.53
N ASP E 156 -16.89 22.16 32.18
CA ASP E 156 -17.89 22.93 31.45
C ASP E 156 -17.23 24.02 30.60
N TYR E 157 -16.44 24.88 31.24
CA TYR E 157 -15.82 26.00 30.53
C TYR E 157 -14.82 25.54 29.47
N TYR E 158 -14.29 24.33 29.62
CA TYR E 158 -13.28 23.84 28.69
C TYR E 158 -13.93 23.20 27.47
N ASN E 159 -14.95 22.37 27.69
CA ASN E 159 -15.60 21.73 26.57
C ASN E 159 -16.47 22.70 25.78
N MET E 160 -16.94 23.79 26.40
CA MET E 160 -17.53 24.87 25.61
C MET E 160 -16.59 25.30 24.49
N PHE E 161 -15.38 25.73 24.87
CA PHE E 161 -14.44 26.26 23.89
C PHE E 161 -13.96 25.19 22.94
N THR E 162 -13.77 23.95 23.43
CA THR E 162 -13.34 22.89 22.54
C THR E 162 -14.38 22.61 21.47
N SER E 163 -15.66 22.51 21.84
CA SER E 163 -16.70 22.30 20.84
C SER E 163 -16.80 23.46 19.86
N ILE E 164 -16.74 24.69 20.36
CA ILE E 164 -16.87 25.85 19.48
C ILE E 164 -15.70 25.93 18.51
N PHE E 165 -14.48 25.71 19.00
CA PHE E 165 -13.31 25.75 18.13
C PHE E 165 -13.33 24.61 17.13
N THR E 166 -13.83 23.44 17.50
CA THR E 166 -13.96 22.36 16.52
C THR E 166 -14.95 22.74 15.43
N LEU E 167 -16.04 23.41 15.80
CA LEU E 167 -16.98 23.89 14.77
C LEU E 167 -16.30 24.87 13.82
N CYS E 168 -15.56 25.82 14.37
CA CYS E 168 -14.85 26.78 13.52
C CYS E 168 -13.83 26.09 12.63
N THR E 169 -13.14 25.08 13.17
CA THR E 169 -12.15 24.34 12.39
C THR E 169 -12.81 23.58 11.25
N MET E 170 -13.96 22.96 11.50
CA MET E 170 -14.65 22.27 10.41
C MET E 170 -15.09 23.26 9.33
N SER E 171 -15.57 24.43 9.75
CA SER E 171 -15.95 25.45 8.77
C SER E 171 -14.77 25.85 7.90
N VAL E 172 -13.62 26.13 8.53
CA VAL E 172 -12.44 26.56 7.77
C VAL E 172 -11.95 25.43 6.88
N ASP E 173 -12.02 24.19 7.37
CA ASP E 173 -11.61 23.04 6.58
C ASP E 173 -12.44 22.91 5.32
N ARG E 174 -13.77 23.04 5.46
CA ARG E 174 -14.64 22.96 4.29
C ARG E 174 -14.39 24.12 3.34
N TYR E 175 -14.17 25.32 3.87
CA TYR E 175 -13.91 26.47 3.01
C TYR E 175 -12.63 26.26 2.20
N ILE E 176 -11.58 25.73 2.84
CA ILE E 176 -10.34 25.46 2.12
C ILE E 176 -10.54 24.36 1.10
N ALA E 177 -11.31 23.32 1.45
CA ALA E 177 -11.55 22.22 0.54
C ALA E 177 -12.26 22.68 -0.73
N VAL E 178 -13.19 23.61 -0.61
CA VAL E 178 -13.94 24.05 -1.78
C VAL E 178 -13.23 25.17 -2.53
N CYS E 179 -12.73 26.19 -1.83
CA CYS E 179 -12.25 27.40 -2.48
C CYS E 179 -10.77 27.39 -2.80
N HIS E 180 -9.97 26.53 -2.17
CA HIS E 180 -8.55 26.40 -2.47
C HIS E 180 -8.20 24.92 -2.62
N PRO E 181 -8.70 24.28 -3.68
CA PRO E 181 -8.49 22.83 -3.82
C PRO E 181 -7.03 22.42 -3.97
N VAL E 182 -6.23 23.21 -4.69
CA VAL E 182 -4.84 22.84 -4.91
C VAL E 182 -4.07 22.82 -3.60
N LYS E 183 -4.21 23.89 -2.80
CA LYS E 183 -3.60 23.90 -1.48
C LYS E 183 -4.30 22.95 -0.52
N ALA E 184 -5.57 22.61 -0.79
CA ALA E 184 -6.23 21.60 0.03
C ALA E 184 -5.59 20.23 -0.17
N LEU E 185 -5.03 19.98 -1.36
CA LEU E 185 -4.24 18.77 -1.55
C LEU E 185 -3.02 18.76 -0.64
N ASP E 186 -2.52 19.94 -0.26
CA ASP E 186 -1.34 20.03 0.59
C ASP E 186 -1.69 20.00 2.07
N PHE E 187 -2.81 20.59 2.46
CA PHE E 187 -3.12 20.78 3.87
C PHE E 187 -4.03 19.69 4.44
N ARG E 188 -5.10 19.36 3.74
CA ARG E 188 -6.13 18.48 4.29
C ARG E 188 -5.63 17.05 4.30
N THR E 189 -4.93 16.69 5.37
CA THR E 189 -4.43 15.34 5.60
C THR E 189 -4.79 14.94 7.01
N PRO E 190 -4.93 13.64 7.27
CA PRO E 190 -5.26 13.19 8.64
C PRO E 190 -4.24 13.64 9.67
N ARG E 191 -2.96 13.67 9.31
CA ARG E 191 -1.93 14.16 10.24
C ARG E 191 -2.17 15.62 10.59
N ASN E 192 -2.49 16.45 9.60
CA ASN E 192 -2.77 17.86 9.88
C ASN E 192 -4.05 18.00 10.68
N ALA E 193 -5.03 17.13 10.44
CA ALA E 193 -6.25 17.15 11.25
C ALA E 193 -5.93 16.86 12.71
N LYS E 194 -5.07 15.87 12.96
CA LYS E 194 -4.69 15.56 14.34
C LYS E 194 -3.93 16.72 14.97
N ILE E 195 -3.04 17.35 14.21
CA ILE E 195 -2.30 18.49 14.74
C ILE E 195 -3.25 19.63 15.10
N ILE E 196 -4.22 19.91 14.24
CA ILE E 196 -5.17 20.98 14.51
C ILE E 196 -6.05 20.65 15.71
N ASN E 197 -6.44 19.38 15.85
CA ASN E 197 -7.22 18.97 17.01
C ASN E 197 -6.44 19.16 18.30
N VAL E 198 -5.17 18.75 18.30
CA VAL E 198 -4.34 18.94 19.48
C VAL E 198 -4.17 20.42 19.77
N CYS E 199 -4.04 21.24 18.73
CA CYS E 199 -3.93 22.69 18.95
C CYS E 199 -5.20 23.24 19.57
N ASN E 200 -6.37 22.76 19.14
CA ASN E 200 -7.62 23.21 19.74
C ASN E 200 -7.71 22.82 21.21
N TRP E 201 -7.38 21.56 21.51
CA TRP E 201 -7.43 21.10 22.90
C TRP E 201 -6.43 21.83 23.78
N ILE E 202 -5.30 22.26 23.21
CA ILE E 202 -4.33 23.04 23.98
C ILE E 202 -4.83 24.47 24.18
N LEU E 203 -5.38 25.08 23.12
CA LEU E 203 -5.82 26.47 23.22
C LEU E 203 -7.03 26.62 24.13
N SER E 204 -7.82 25.57 24.29
CA SER E 204 -8.91 25.61 25.26
C SER E 204 -8.39 25.60 26.70
N SER E 205 -7.14 25.18 26.92
CA SER E 205 -6.60 25.17 28.27
C SER E 205 -6.42 26.59 28.80
N ALA E 206 -6.25 27.57 27.91
CA ALA E 206 -6.10 28.95 28.34
C ALA E 206 -7.31 29.44 29.13
N ILE E 207 -8.47 28.81 28.95
CA ILE E 207 -9.63 29.07 29.80
C ILE E 207 -9.91 27.93 30.77
N GLY E 208 -9.51 26.70 30.43
CA GLY E 208 -9.68 25.59 31.35
C GLY E 208 -8.92 25.71 32.64
N LEU E 209 -7.66 26.16 32.57
CA LEU E 209 -6.82 26.18 33.77
C LEU E 209 -7.13 27.37 34.68
N PRO E 210 -7.21 28.62 34.21
CA PRO E 210 -7.55 29.71 35.13
C PRO E 210 -8.89 29.52 35.81
N VAL E 211 -9.85 28.90 35.12
CA VAL E 211 -11.11 28.55 35.75
C VAL E 211 -10.91 27.50 36.82
N MET E 212 -10.11 26.47 36.54
CA MET E 212 -9.83 25.44 37.54
C MET E 212 -9.13 25.99 38.77
N PHE E 213 -8.35 27.06 38.63
CA PHE E 213 -7.71 27.69 39.77
C PHE E 213 -8.63 28.66 40.50
N MET E 214 -9.44 29.41 39.77
CA MET E 214 -10.29 30.42 40.39
C MET E 214 -11.60 29.85 40.92
N ALA E 215 -11.93 28.61 40.56
CA ALA E 215 -13.14 27.99 41.08
C ALA E 215 -13.03 27.77 42.58
N THR E 216 -14.12 28.01 43.30
CA THR E 216 -14.11 27.90 44.75
C THR E 216 -15.45 27.36 45.21
N THR E 217 -15.70 27.42 46.51
CA THR E 217 -16.92 26.89 47.11
C THR E 217 -17.26 27.76 48.31
N LYS E 218 -18.21 28.67 48.14
CA LYS E 218 -18.50 29.67 49.15
C LYS E 218 -19.78 29.34 49.90
N TYR E 219 -20.09 30.17 50.90
CA TYR E 219 -21.27 30.01 51.73
C TYR E 219 -22.14 31.25 51.62
N ARG E 220 -23.44 31.03 51.41
CA ARG E 220 -24.40 32.12 51.24
C ARG E 220 -25.69 31.71 51.94
N GLN E 221 -25.97 32.34 53.08
CA GLN E 221 -27.19 32.10 53.84
C GLN E 221 -27.36 30.62 54.16
N GLY E 222 -26.27 30.00 54.60
CA GLY E 222 -26.31 28.59 54.93
C GLY E 222 -26.41 27.66 53.74
N SER E 223 -26.14 28.16 52.54
CA SER E 223 -26.20 27.35 51.32
C SER E 223 -24.83 27.35 50.66
N ILE E 224 -24.40 26.18 50.21
CA ILE E 224 -23.10 26.03 49.60
C ILE E 224 -23.18 26.36 48.11
N ASP E 225 -22.32 27.27 47.66
CA ASP E 225 -22.28 27.72 46.28
C ASP E 225 -21.01 27.26 45.61
N CYS E 226 -21.14 26.86 44.34
CA CYS E 226 -20.04 26.39 43.50
C CYS E 226 -19.64 27.46 42.50
N THR E 227 -19.60 28.71 42.95
CA THR E 227 -19.34 29.84 42.06
C THR E 227 -17.83 30.04 41.88
N LEU E 228 -17.45 31.18 41.31
CA LEU E 228 -16.07 31.56 41.10
C LEU E 228 -15.76 32.84 41.84
N THR E 229 -14.47 33.06 42.12
CA THR E 229 -14.01 34.22 42.86
C THR E 229 -12.93 34.94 42.06
N PHE E 230 -12.86 36.27 42.24
CA PHE E 230 -11.94 37.11 41.48
C PHE E 230 -11.10 37.94 42.44
N SER E 231 -9.97 38.44 41.91
CA SER E 231 -8.86 38.89 42.76
C SER E 231 -9.19 40.07 43.68
N HIS E 232 -9.41 41.28 43.14
CA HIS E 232 -9.48 42.43 44.02
C HIS E 232 -10.27 43.62 43.45
N PRO E 233 -9.79 44.31 42.42
CA PRO E 233 -10.28 45.67 42.16
C PRO E 233 -11.74 45.67 41.71
N THR E 234 -12.62 46.20 42.57
CA THR E 234 -14.06 46.02 42.43
C THR E 234 -14.28 44.56 42.05
N TRP E 235 -14.59 44.32 40.78
CA TRP E 235 -14.30 43.00 40.21
C TRP E 235 -13.30 43.09 39.06
N TYR E 236 -13.66 43.76 37.96
CA TYR E 236 -12.77 43.99 36.81
C TYR E 236 -12.18 42.70 36.24
N TRP E 237 -12.58 41.55 36.79
CA TRP E 237 -12.11 40.28 36.27
C TRP E 237 -13.29 39.39 35.90
N GLU E 238 -14.39 39.51 36.64
CA GLU E 238 -15.63 38.88 36.23
C GLU E 238 -16.10 39.43 34.88
N ASN E 239 -16.12 40.76 34.76
CA ASN E 239 -16.49 41.38 33.50
C ASN E 239 -15.49 41.05 32.41
N LEU E 240 -14.20 41.01 32.75
CA LEU E 240 -13.19 40.67 31.75
C LEU E 240 -13.39 39.26 31.23
N LEU E 241 -13.64 38.30 32.13
CA LEU E 241 -13.87 36.93 31.69
C LEU E 241 -15.14 36.82 30.87
N LYS E 242 -16.21 37.52 31.28
CA LYS E 242 -17.44 37.49 30.50
C LYS E 242 -17.23 38.06 29.11
N ILE E 243 -16.51 39.17 29.00
CA ILE E 243 -16.26 39.79 27.71
C ILE E 243 -15.42 38.87 26.84
N CYS E 244 -14.38 38.26 27.42
CA CYS E 244 -13.53 37.36 26.65
C CYS E 244 -14.31 36.16 26.15
N VAL E 245 -15.17 35.58 26.99
CA VAL E 245 -15.99 34.45 26.57
C VAL E 245 -16.94 34.87 25.46
N PHE E 246 -17.56 36.05 25.60
CA PHE E 246 -18.49 36.53 24.58
C PHE E 246 -17.78 36.75 23.25
N ILE E 247 -16.56 37.29 23.29
CA ILE E 247 -15.87 37.64 22.05
C ILE E 247 -15.31 36.38 21.38
N PHE E 248 -14.64 35.53 22.14
CA PHE E 248 -13.93 34.38 21.57
C PHE E 248 -14.78 33.13 21.50
N ALA E 249 -16.02 33.17 21.99
CA ALA E 249 -16.92 32.04 21.92
C ALA E 249 -18.19 32.33 21.15
N PHE E 250 -18.56 33.60 20.94
CA PHE E 250 -19.71 33.92 20.12
C PHE E 250 -19.35 34.77 18.91
N ILE E 251 -18.69 35.91 19.10
CA ILE E 251 -18.50 36.85 18.00
C ILE E 251 -17.56 36.27 16.95
N MET E 252 -16.34 35.95 17.36
CA MET E 252 -15.36 35.40 16.42
C MET E 252 -15.84 34.10 15.78
N PRO E 253 -16.43 33.13 16.52
CA PRO E 253 -16.97 31.96 15.84
C PRO E 253 -18.05 32.28 14.81
N VAL E 254 -18.95 33.23 15.10
CA VAL E 254 -19.97 33.58 14.13
C VAL E 254 -19.34 34.19 12.89
N LEU E 255 -18.37 35.08 13.08
CA LEU E 255 -17.68 35.66 11.93
C LEU E 255 -17.04 34.59 11.07
N ILE E 256 -16.30 33.68 11.71
CA ILE E 256 -15.59 32.64 10.95
C ILE E 256 -16.59 31.75 10.21
N ILE E 257 -17.61 31.27 10.93
CA ILE E 257 -18.58 30.36 10.33
C ILE E 257 -19.27 31.02 9.14
N THR E 258 -19.77 32.25 9.35
CA THR E 258 -20.54 32.91 8.31
C THR E 258 -19.67 33.23 7.10
N VAL E 259 -18.47 33.78 7.32
CA VAL E 259 -17.62 34.16 6.19
C VAL E 259 -17.21 32.92 5.41
N CYS E 260 -16.73 31.88 6.11
CA CYS E 260 -16.27 30.69 5.42
C CYS E 260 -17.39 30.03 4.63
N TYR E 261 -18.57 29.90 5.24
CA TYR E 261 -19.66 29.21 4.55
C TYR E 261 -20.23 30.06 3.42
N GLY E 262 -20.29 31.38 3.60
CA GLY E 262 -20.76 32.22 2.51
C GLY E 262 -19.85 32.17 1.31
N LEU E 263 -18.54 32.24 1.53
CA LEU E 263 -17.59 32.11 0.43
C LEU E 263 -17.69 30.73 -0.22
N MET E 264 -17.86 29.68 0.60
CA MET E 264 -17.97 28.33 0.05
C MET E 264 -19.20 28.20 -0.84
N ILE E 265 -20.34 28.75 -0.40
CA ILE E 265 -21.55 28.65 -1.20
C ILE E 265 -21.44 29.49 -2.47
N LEU E 266 -20.84 30.68 -2.37
CA LEU E 266 -20.66 31.50 -3.56
C LEU E 266 -19.81 30.78 -4.59
N ARG E 267 -18.74 30.12 -4.15
CA ARG E 267 -17.91 29.38 -5.09
C ARG E 267 -18.65 28.16 -5.63
N LEU E 268 -19.41 27.47 -4.78
CA LEU E 268 -20.13 26.28 -5.24
C LEU E 268 -21.20 26.62 -6.27
N LYS E 269 -21.69 27.86 -6.26
CA LYS E 269 -22.66 28.25 -7.28
C LYS E 269 -22.06 28.15 -8.68
N SER E 270 -20.80 28.55 -8.84
CA SER E 270 -20.16 28.54 -10.15
C SER E 270 -19.68 27.15 -10.56
N VAL E 271 -19.61 26.21 -9.62
CA VAL E 271 -19.11 24.87 -9.89
C VAL E 271 -20.04 24.16 -10.88
N ARG E 272 -19.45 23.38 -11.80
CA ARG E 272 -20.20 22.87 -12.95
C ARG E 272 -21.19 21.78 -12.55
N MET E 273 -20.72 20.70 -11.93
CA MET E 273 -21.60 19.57 -11.67
C MET E 273 -22.59 19.84 -10.54
N LEU E 274 -22.67 21.09 -10.08
CA LEU E 274 -23.74 21.51 -9.19
C LEU E 274 -24.76 22.39 -9.89
N SER E 275 -24.46 22.88 -11.09
CA SER E 275 -25.39 23.66 -11.88
C SER E 275 -25.89 22.81 -13.05
N GLY E 276 -26.74 23.39 -13.89
CA GLY E 276 -27.19 22.71 -15.09
C GLY E 276 -28.54 22.04 -14.97
N SER E 277 -28.54 20.72 -14.79
CA SER E 277 -29.75 19.92 -14.85
C SER E 277 -30.59 20.08 -13.58
N LYS E 278 -31.66 19.29 -13.50
CA LYS E 278 -32.57 19.39 -12.36
C LYS E 278 -31.94 18.79 -11.10
N GLU E 279 -31.34 17.60 -11.22
CA GLU E 279 -30.75 16.95 -10.06
C GLU E 279 -29.51 17.67 -9.55
N LYS E 280 -28.72 18.25 -10.44
CA LYS E 280 -27.57 19.02 -9.99
C LYS E 280 -27.99 20.25 -9.19
N ASP E 281 -29.01 20.96 -9.67
CA ASP E 281 -29.55 22.08 -8.90
C ASP E 281 -30.17 21.62 -7.60
N ARG E 282 -30.77 20.42 -7.60
CA ARG E 282 -31.28 19.85 -6.35
C ARG E 282 -30.16 19.62 -5.35
N ASN E 283 -29.02 19.10 -5.83
CA ASN E 283 -27.87 18.89 -4.95
C ASN E 283 -27.34 20.22 -4.41
N LEU E 284 -27.27 21.23 -5.27
CA LEU E 284 -26.82 22.55 -4.81
C LEU E 284 -27.76 23.11 -3.76
N ARG E 285 -29.07 22.98 -3.98
CA ARG E 285 -30.04 23.45 -2.99
C ARG E 285 -29.90 22.69 -1.68
N ARG E 286 -29.67 21.38 -1.76
CA ARG E 286 -29.50 20.59 -0.55
C ARG E 286 -28.28 21.06 0.25
N ILE E 287 -27.16 21.29 -0.45
CA ILE E 287 -25.95 21.72 0.24
C ILE E 287 -26.15 23.10 0.87
N THR E 288 -26.73 24.04 0.12
CA THR E 288 -26.96 25.37 0.65
C THR E 288 -27.89 25.34 1.84
N ARG E 289 -28.96 24.56 1.75
CA ARG E 289 -29.90 24.43 2.85
C ARG E 289 -29.23 23.86 4.09
N MET E 290 -28.39 22.83 3.91
CA MET E 290 -27.72 22.22 5.05
C MET E 290 -26.78 23.22 5.73
N VAL E 291 -26.05 24.00 4.94
CA VAL E 291 -25.15 25.00 5.50
C VAL E 291 -25.93 26.05 6.28
N LEU E 292 -27.05 26.50 5.70
CA LEU E 292 -27.89 27.49 6.39
C LEU E 292 -28.45 26.93 7.69
N VAL E 293 -28.84 25.65 7.68
CA VAL E 293 -29.34 25.03 8.90
C VAL E 293 -28.27 25.00 9.97
N VAL E 294 -27.04 24.65 9.59
CA VAL E 294 -25.96 24.62 10.58
C VAL E 294 -25.73 25.99 11.19
N VAL E 295 -25.61 27.02 10.35
CA VAL E 295 -25.35 28.37 10.88
C VAL E 295 -26.51 28.84 11.75
N ALA E 296 -27.75 28.62 11.30
CA ALA E 296 -28.90 29.05 12.06
C ALA E 296 -29.01 28.32 13.39
N VAL E 297 -28.71 27.01 13.41
CA VAL E 297 -28.76 26.27 14.66
C VAL E 297 -27.75 26.83 15.64
N PHE E 298 -26.52 27.08 15.19
CA PHE E 298 -25.52 27.65 16.08
C PHE E 298 -25.99 28.99 16.64
N ILE E 299 -26.46 29.88 15.77
CA ILE E 299 -26.84 31.21 16.22
C ILE E 299 -28.02 31.14 17.19
N VAL E 300 -29.04 30.35 16.86
CA VAL E 300 -30.22 30.26 17.71
C VAL E 300 -29.85 29.67 19.07
N CYS E 301 -28.97 28.67 19.08
CA CYS E 301 -28.64 28.03 20.35
C CYS E 301 -27.78 28.93 21.23
N TRP E 302 -26.87 29.71 20.65
CA TRP E 302 -25.90 30.40 21.48
C TRP E 302 -26.20 31.87 21.72
N THR E 303 -26.98 32.53 20.86
CA THR E 303 -27.21 33.97 21.04
C THR E 303 -27.98 34.30 22.31
N PRO E 304 -29.11 33.66 22.64
CA PRO E 304 -29.90 34.12 23.80
C PRO E 304 -29.14 34.07 25.12
N ILE E 305 -28.34 33.04 25.36
CA ILE E 305 -27.67 32.94 26.66
C ILE E 305 -26.64 34.06 26.80
N HIS E 306 -25.85 34.31 25.76
CA HIS E 306 -24.86 35.38 25.83
C HIS E 306 -25.54 36.74 25.98
N ILE E 307 -26.61 36.97 25.21
CA ILE E 307 -27.31 38.26 25.29
C ILE E 307 -27.88 38.47 26.69
N TYR E 308 -28.50 37.43 27.26
CA TYR E 308 -29.17 37.61 28.54
C TYR E 308 -28.15 37.70 29.68
N VAL E 309 -27.00 37.05 29.52
CA VAL E 309 -25.91 37.23 30.48
C VAL E 309 -25.42 38.67 30.45
N ILE E 310 -25.25 39.24 29.26
CA ILE E 310 -24.86 40.65 29.16
C ILE E 310 -25.92 41.54 29.79
N ILE E 311 -27.19 41.22 29.57
CA ILE E 311 -28.28 42.00 30.15
C ILE E 311 -28.18 41.99 31.67
N LYS E 312 -27.96 40.81 32.26
CA LYS E 312 -27.80 40.73 33.71
C LYS E 312 -26.56 41.49 34.17
N ALA E 313 -25.52 41.51 33.35
CA ALA E 313 -24.30 42.21 33.73
C ALA E 313 -24.53 43.71 33.83
N LEU E 314 -25.13 44.31 32.80
CA LEU E 314 -25.29 45.77 32.80
C LEU E 314 -26.36 46.23 33.79
N VAL E 315 -27.52 45.57 33.79
CA VAL E 315 -28.65 46.04 34.57
C VAL E 315 -29.15 44.93 35.49
N THR E 316 -29.84 45.33 36.55
CA THR E 316 -30.43 44.42 37.51
C THR E 316 -31.91 44.23 37.19
N ILE E 317 -32.39 43.00 37.42
CA ILE E 317 -33.77 42.66 37.10
C ILE E 317 -34.38 41.88 38.25
N PRO E 318 -35.69 42.02 38.45
CA PRO E 318 -36.33 41.35 39.58
C PRO E 318 -36.29 39.84 39.44
N GLU E 319 -36.27 39.16 40.59
CA GLU E 319 -36.23 37.70 40.63
C GLU E 319 -37.66 37.17 40.67
N THR E 320 -38.23 36.95 39.48
CA THR E 320 -39.55 36.39 39.34
C THR E 320 -39.45 34.97 38.79
N THR E 321 -40.59 34.28 38.76
CA THR E 321 -40.63 32.94 38.19
C THR E 321 -40.29 32.99 36.70
N PHE E 322 -40.78 34.01 36.00
CA PHE E 322 -40.43 34.17 34.59
C PHE E 322 -38.93 34.36 34.43
N GLN E 323 -38.30 35.11 35.33
CA GLN E 323 -36.86 35.30 35.27
C GLN E 323 -36.12 33.97 35.43
N THR E 324 -36.55 33.15 36.38
CA THR E 324 -35.89 31.87 36.62
C THR E 324 -36.04 30.93 35.43
N VAL E 325 -37.26 30.82 34.90
CA VAL E 325 -37.47 29.92 33.78
C VAL E 325 -36.75 30.43 32.54
N SER E 326 -36.65 31.75 32.37
CA SER E 326 -35.89 32.31 31.26
C SER E 326 -34.41 31.96 31.39
N TRP E 327 -33.83 32.16 32.58
CA TRP E 327 -32.46 31.74 32.85
C TRP E 327 -32.23 30.28 32.46
N HIS E 328 -33.04 29.38 33.00
CA HIS E 328 -32.72 27.97 32.82
C HIS E 328 -33.05 27.48 31.43
N PHE E 329 -34.07 28.04 30.79
CA PHE E 329 -34.33 27.71 29.40
C PHE E 329 -33.22 28.21 28.48
N CYS E 330 -32.68 29.39 28.76
CA CYS E 330 -31.56 29.88 27.95
C CYS E 330 -30.33 28.99 28.13
N ILE E 331 -30.05 28.56 29.35
CA ILE E 331 -28.91 27.68 29.58
C ILE E 331 -29.11 26.34 28.86
N ALA E 332 -30.31 25.77 28.97
CA ALA E 332 -30.57 24.50 28.29
C ALA E 332 -30.52 24.67 26.78
N LEU E 333 -30.95 25.83 26.28
CA LEU E 333 -30.85 26.10 24.85
C LEU E 333 -29.40 26.17 24.40
N GLY E 334 -28.54 26.81 25.20
CA GLY E 334 -27.13 26.80 24.91
C GLY E 334 -26.56 25.40 24.86
N TYR E 335 -27.00 24.53 25.77
CA TYR E 335 -26.53 23.15 25.74
C TYR E 335 -27.15 22.34 24.62
N THR E 336 -28.28 22.78 24.06
CA THR E 336 -28.94 22.06 22.97
C THR E 336 -28.09 22.03 21.70
N ASN E 337 -27.13 22.94 21.58
CA ASN E 337 -26.20 22.88 20.45
C ASN E 337 -25.42 21.58 20.44
N SER E 338 -24.98 21.14 21.63
CA SER E 338 -24.27 19.87 21.76
C SER E 338 -25.16 18.68 21.45
N CYS E 339 -26.48 18.82 21.56
CA CYS E 339 -27.39 17.75 21.22
C CYS E 339 -27.71 17.72 19.73
N LEU E 340 -27.80 18.89 19.10
CA LEU E 340 -28.09 18.95 17.67
C LEU E 340 -26.86 18.71 16.80
N ASN E 341 -25.66 18.94 17.32
CA ASN E 341 -24.46 18.73 16.51
C ASN E 341 -24.31 17.31 15.97
N PRO E 342 -24.53 16.24 16.74
CA PRO E 342 -24.43 14.90 16.15
C PRO E 342 -25.37 14.67 14.98
N VAL E 343 -26.56 15.26 15.01
CA VAL E 343 -27.49 15.11 13.89
C VAL E 343 -27.02 15.92 12.70
N LEU E 344 -26.53 17.14 12.93
CA LEU E 344 -26.16 18.01 11.82
C LEU E 344 -24.90 17.54 11.12
N TYR E 345 -23.87 17.17 11.88
CA TYR E 345 -22.56 16.92 11.30
C TYR E 345 -22.26 15.46 11.05
N ALA E 346 -22.84 14.55 11.83
CA ALA E 346 -22.55 13.13 11.69
C ALA E 346 -23.66 12.36 11.00
N PHE E 347 -24.92 12.55 11.40
CA PHE E 347 -25.99 11.73 10.87
C PHE E 347 -26.57 12.25 9.56
N LEU E 348 -26.21 13.47 9.15
CA LEU E 348 -26.75 14.07 7.94
C LEU E 348 -25.67 14.35 6.91
N ASP E 349 -24.70 13.44 6.77
CA ASP E 349 -23.74 13.48 5.69
C ASP E 349 -23.75 12.15 4.96
N GLU E 350 -23.35 12.19 3.68
CA GLU E 350 -23.55 11.03 2.83
C GLU E 350 -22.69 9.84 3.26
N ASN E 351 -21.53 10.09 3.86
CA ASN E 351 -20.69 8.98 4.29
C ASN E 351 -21.38 8.13 5.37
N PHE E 352 -21.85 8.78 6.45
CA PHE E 352 -22.48 8.03 7.52
C PHE E 352 -23.79 7.41 7.08
N LYS E 353 -24.60 8.15 6.33
CA LYS E 353 -25.88 7.59 5.91
C LYS E 353 -25.68 6.47 4.88
N ARG E 354 -24.60 6.54 4.10
CA ARG E 354 -24.26 5.42 3.22
C ARG E 354 -23.83 4.21 4.03
N CYS E 355 -23.05 4.43 5.10
CA CYS E 355 -22.69 3.33 5.99
C CYS E 355 -23.92 2.72 6.64
N PHE E 356 -24.92 3.54 6.94
CA PHE E 356 -26.16 3.06 7.55
C PHE E 356 -27.08 2.35 6.57
N ARG E 357 -27.14 2.81 5.31
CA ARG E 357 -27.96 2.12 4.32
C ARG E 357 -27.43 0.72 4.06
N GLU E 358 -26.12 0.53 4.20
CA GLU E 358 -25.51 -0.79 4.11
C GLU E 358 -25.48 -1.52 5.45
N PHE E 359 -25.86 -0.86 6.53
CA PHE E 359 -25.90 -1.45 7.86
C PHE E 359 -24.54 -2.03 8.26
N TYR F 1 -22.04 27.45 29.35
CA TYR F 1 -22.45 28.76 29.87
C TYR F 1 -23.82 28.55 30.55
N GLY F 3 -24.84 28.95 34.52
CA GLY F 3 -25.51 28.89 35.80
C GLY F 3 -24.75 28.57 37.10
#